data_9E92
#
_entry.id   9E92
#
_cell.length_a   69.153
_cell.length_b   124.998
_cell.length_c   72.757
_cell.angle_alpha   90.000
_cell.angle_beta   118.295
_cell.angle_gamma   90.000
#
_symmetry.space_group_name_H-M   'P 1 21 1'
#
loop_
_entity.id
_entity.type
_entity.pdbx_description
1 polymer R699
2 branched alpha-D-glucopyranose-(1-2)-beta-D-glucopyranose
3 non-polymer "URIDINE-5'-DIPHOSPHATE"
4 non-polymer 'MANGANESE (II) ION'
5 non-polymer beta-D-glucopyranose
6 non-polymer beta-D-galactopyranose
7 water water
#
_entity_poly.entity_id   1
_entity_poly.type   'polypeptide(L)'
_entity_poly.pdbx_seq_one_letter_code
;GPGSEQSNNDDNLLVLGIGISVHKTDGVLRFEKYCQAHNLQYMIVGEGKKWNGGNLESEAGGGQKINELLIALESIKDNK
LIVVCDTYDLIPLSGPEEILRKYRFLTPDNKVVFSSELYCWPDASLVERYPKVDTKYKYLNSGAFMGYRDDIYEMIKNGV
KDRDDDQLFFSIKFIETDKIVLDYKCELFQAMYRCNSDLVVHKNRIFNGYTNSYPVFAHGNGPAKKLLNHMEGYFMTEPI
DGSSNTINTFKLDNEPKVFFALYVDSNDLSALKQFLGKVASIQYGNKVIYLYDRSDNEQNRKLIQISYPNYHTGVTKYVF
DDFKKSDAQFYFLLEQNCIITKKDILHELIMQVKDNHRVISPMIGYEQNSTRTNFWGDIEDGYYKRSENYLDLAKHKVRG
LWNVPYVYGVILMHESVVRNWDLSMVKYNDKDMDLCFSLRKHTIFMYMINNNNYGYMV
;
_entity_poly.pdbx_strand_id   A,B
#
loop_
_chem_comp.id
_chem_comp.type
_chem_comp.name
_chem_comp.formula
BGC D-saccharide, beta linking beta-D-glucopyranose 'C6 H12 O6'
GAL D-saccharide, beta linking beta-D-galactopyranose 'C6 H12 O6'
GLC D-saccharide, alpha linking alpha-D-glucopyranose 'C6 H12 O6'
MN non-polymer 'MANGANESE (II) ION' 'Mn 2'
UDP RNA linking URIDINE-5'-DIPHOSPHATE 'C9 H14 N2 O12 P2'
#
# COMPACT_ATOMS: atom_id res chain seq x y z
N ASP A 11 26.38 -8.27 3.87
CA ASP A 11 26.96 -9.16 2.83
C ASP A 11 26.02 -10.33 2.52
N ASN A 12 26.49 -11.55 2.74
CA ASN A 12 25.82 -12.69 2.16
C ASN A 12 24.70 -13.18 3.06
N LEU A 13 23.69 -13.78 2.43
CA LEU A 13 22.56 -14.40 3.15
C LEU A 13 21.92 -15.46 2.26
N LEU A 14 21.61 -16.62 2.84
CA LEU A 14 20.90 -17.67 2.09
C LEU A 14 19.66 -18.07 2.89
N VAL A 15 18.49 -18.10 2.22
CA VAL A 15 17.25 -18.54 2.83
C VAL A 15 16.95 -19.98 2.43
N LEU A 16 16.76 -20.81 3.42
CA LEU A 16 16.38 -22.23 3.28
C LEU A 16 14.91 -22.40 3.65
N GLY A 17 14.09 -22.46 2.58
CA GLY A 17 12.66 -22.67 2.74
C GLY A 17 12.30 -24.12 2.69
N ILE A 18 11.59 -24.63 3.69
CA ILE A 18 11.20 -26.04 3.74
C ILE A 18 9.97 -26.29 2.85
N GLY A 19 10.15 -27.12 1.81
CA GLY A 19 9.09 -27.40 0.84
C GLY A 19 9.16 -28.87 0.37
N ILE A 20 8.76 -29.73 1.31
CA ILE A 20 8.79 -31.17 1.11
C ILE A 20 7.49 -31.59 0.44
N SER A 21 7.64 -31.91 -0.85
CA SER A 21 6.52 -32.33 -1.69
C SER A 21 7.07 -32.90 -3.00
N VAL A 22 6.31 -33.85 -3.60
CA VAL A 22 6.64 -34.33 -4.93
C VAL A 22 6.35 -33.26 -5.98
N HIS A 23 5.20 -32.55 -5.81
CA HIS A 23 4.77 -31.46 -6.69
C HIS A 23 4.62 -30.14 -5.88
N LYS A 24 4.89 -29.01 -6.51
CA LYS A 24 4.93 -27.74 -5.76
C LYS A 24 3.52 -27.24 -5.47
N THR A 25 3.32 -26.84 -4.21
CA THR A 25 2.10 -26.13 -3.82
C THR A 25 2.13 -24.69 -4.27
N ASP A 26 0.94 -24.04 -4.29
CA ASP A 26 0.91 -22.60 -4.49
C ASP A 26 1.57 -21.85 -3.33
N GLY A 27 1.52 -22.40 -2.12
CA GLY A 27 2.24 -21.79 -1.02
C GLY A 27 3.73 -21.63 -1.31
N VAL A 28 4.40 -22.74 -1.79
CA VAL A 28 5.79 -22.60 -2.10
C VAL A 28 6.04 -21.71 -3.29
N LEU A 29 5.17 -21.75 -4.31
CA LEU A 29 5.34 -20.89 -5.47
C LEU A 29 5.27 -19.40 -5.11
N ARG A 30 4.36 -19.06 -4.18
CA ARG A 30 4.20 -17.69 -3.68
C ARG A 30 5.42 -17.27 -2.85
N PHE A 31 5.90 -18.17 -1.99
CA PHE A 31 7.15 -17.91 -1.30
C PHE A 31 8.30 -17.58 -2.25
N GLU A 32 8.46 -18.41 -3.29
CA GLU A 32 9.54 -18.22 -4.25
C GLU A 32 9.40 -16.88 -4.97
N LYS A 33 8.17 -16.52 -5.38
CA LYS A 33 7.94 -15.25 -6.05
C LYS A 33 8.31 -14.05 -5.19
N TYR A 34 7.92 -14.05 -3.91
CA TYR A 34 8.26 -12.96 -3.01
C TYR A 34 9.76 -12.95 -2.71
N CYS A 35 10.41 -14.12 -2.56
CA CYS A 35 11.85 -14.12 -2.42
C CYS A 35 12.51 -13.43 -3.61
N GLN A 36 12.10 -13.81 -4.82
CA GLN A 36 12.69 -13.23 -6.03
C GLN A 36 12.44 -11.72 -6.11
N ALA A 37 11.23 -11.28 -5.69
CA ALA A 37 10.86 -9.87 -5.73
C ALA A 37 11.79 -9.02 -4.86
N HIS A 38 12.30 -9.60 -3.76
CA HIS A 38 13.11 -8.90 -2.78
C HIS A 38 14.60 -9.26 -2.91
N ASN A 39 15.00 -9.93 -4.01
CA ASN A 39 16.39 -10.28 -4.31
C ASN A 39 17.00 -11.12 -3.19
N LEU A 40 16.20 -12.00 -2.60
CA LEU A 40 16.68 -12.92 -1.56
C LEU A 40 17.13 -14.21 -2.19
N GLN A 41 18.38 -14.60 -1.95
CA GLN A 41 18.87 -15.86 -2.46
C GLN A 41 18.30 -16.98 -1.62
N TYR A 42 17.77 -18.03 -2.26
CA TYR A 42 17.07 -19.07 -1.54
C TYR A 42 17.31 -20.44 -2.18
N MET A 43 17.02 -21.47 -1.40
N MET A 43 16.97 -21.46 -1.39
CA MET A 43 16.88 -22.83 -1.88
CA MET A 43 16.92 -22.85 -1.80
C MET A 43 15.66 -23.46 -1.19
C MET A 43 15.67 -23.47 -1.17
N ILE A 44 14.95 -24.31 -1.92
CA ILE A 44 13.86 -25.08 -1.35
C ILE A 44 14.35 -26.45 -0.86
N VAL A 45 14.22 -26.70 0.43
CA VAL A 45 14.67 -27.96 1.03
C VAL A 45 13.56 -29.00 0.87
N GLY A 46 13.90 -30.21 0.32
CA GLY A 46 12.95 -31.30 0.34
C GLY A 46 12.12 -31.50 -0.94
N GLU A 47 12.44 -30.72 -1.94
CA GLU A 47 11.74 -30.78 -3.22
C GLU A 47 11.81 -32.19 -3.79
N GLY A 48 10.68 -32.75 -4.22
CA GLY A 48 10.65 -34.08 -4.84
C GLY A 48 10.33 -35.20 -3.87
N LYS A 49 10.34 -34.95 -2.54
CA LYS A 49 10.10 -35.96 -1.52
C LYS A 49 8.67 -35.87 -1.01
N LYS A 50 8.17 -37.00 -0.52
CA LYS A 50 6.86 -37.07 0.10
C LYS A 50 6.92 -36.60 1.56
N TRP A 51 5.93 -35.80 1.99
CA TRP A 51 5.80 -35.41 3.39
C TRP A 51 5.38 -36.58 4.26
N ASN A 52 6.09 -36.73 5.40
CA ASN A 52 5.80 -37.72 6.45
C ASN A 52 5.91 -37.05 7.81
N GLY A 53 5.49 -35.78 7.91
CA GLY A 53 5.65 -35.01 9.15
C GLY A 53 4.43 -34.92 10.05
N GLY A 54 3.27 -35.47 9.67
CA GLY A 54 2.05 -35.42 10.46
C GLY A 54 1.06 -34.42 9.88
N ASN A 55 -0.15 -34.41 10.46
CA ASN A 55 -1.25 -33.53 10.07
C ASN A 55 -1.24 -32.28 10.95
N LEU A 56 -0.43 -31.26 10.55
CA LEU A 56 -0.10 -30.20 11.49
C LEU A 56 -1.30 -29.29 11.79
N GLU A 57 -2.37 -29.37 10.97
CA GLU A 57 -3.58 -28.62 11.23
C GLU A 57 -4.24 -29.11 12.53
N SER A 58 -4.00 -30.37 12.92
CA SER A 58 -4.71 -30.89 14.08
C SER A 58 -3.83 -31.64 15.07
N GLU A 59 -2.51 -31.76 14.86
CA GLU A 59 -1.69 -32.51 15.78
C GLU A 59 -0.27 -31.97 15.76
N ALA A 60 0.50 -32.37 16.77
CA ALA A 60 1.94 -32.13 16.79
C ALA A 60 2.61 -32.93 15.70
N GLY A 61 3.78 -32.44 15.27
CA GLY A 61 4.54 -33.02 14.20
C GLY A 61 5.64 -32.11 13.69
N GLY A 62 6.15 -32.45 12.50
CA GLY A 62 7.10 -31.62 11.79
C GLY A 62 8.56 -32.01 11.95
N GLY A 63 8.83 -33.14 12.62
CA GLY A 63 10.22 -33.54 12.80
C GLY A 63 10.97 -33.73 11.48
N GLN A 64 10.25 -34.21 10.42
CA GLN A 64 10.85 -34.37 9.12
C GLN A 64 11.50 -33.09 8.58
N LYS A 65 10.97 -31.92 8.96
CA LYS A 65 11.60 -30.70 8.53
C LYS A 65 13.07 -30.62 9.03
N ILE A 66 13.28 -31.02 10.31
CA ILE A 66 14.63 -31.03 10.88
C ILE A 66 15.54 -32.07 10.17
N ASN A 67 14.94 -33.22 9.82
CA ASN A 67 15.71 -34.29 9.19
C ASN A 67 16.14 -33.86 7.79
N GLU A 68 15.26 -33.19 7.02
CA GLU A 68 15.64 -32.75 5.70
C GLU A 68 16.55 -31.53 5.73
N LEU A 69 16.37 -30.66 6.73
CA LEU A 69 17.32 -29.58 6.96
C LEU A 69 18.76 -30.11 7.19
N LEU A 70 18.89 -31.13 8.04
CA LEU A 70 20.17 -31.74 8.41
C LEU A 70 20.84 -32.19 7.12
N ILE A 71 20.08 -32.94 6.32
CA ILE A 71 20.59 -33.43 5.06
C ILE A 71 21.09 -32.26 4.23
N ALA A 72 20.26 -31.20 4.07
CA ALA A 72 20.66 -30.06 3.28
C ALA A 72 21.91 -29.35 3.80
N LEU A 73 22.07 -29.25 5.13
CA LEU A 73 23.20 -28.54 5.68
C LEU A 73 24.49 -29.30 5.38
N GLU A 74 24.39 -30.62 5.17
CA GLU A 74 25.58 -31.43 4.92
C GLU A 74 26.28 -30.92 3.67
N SER A 75 25.51 -30.37 2.73
CA SER A 75 26.05 -29.90 1.47
C SER A 75 26.43 -28.43 1.53
N ILE A 76 26.14 -27.73 2.63
CA ILE A 76 26.62 -26.36 2.81
C ILE A 76 27.81 -26.47 3.78
N LYS A 77 29.03 -26.63 3.24
CA LYS A 77 30.18 -27.00 4.06
C LYS A 77 30.59 -25.79 4.92
N ASP A 78 30.52 -24.57 4.38
CA ASP A 78 31.02 -23.39 5.07
C ASP A 78 29.97 -22.78 6.01
N ASN A 79 30.44 -21.87 6.87
CA ASN A 79 29.64 -21.40 8.00
C ASN A 79 28.87 -20.14 7.58
N LYS A 80 27.91 -20.32 6.67
CA LYS A 80 27.09 -19.25 6.12
C LYS A 80 26.02 -18.81 7.14
N LEU A 81 25.66 -17.53 7.08
CA LEU A 81 24.46 -17.02 7.76
C LEU A 81 23.21 -17.36 6.94
N ILE A 82 22.27 -18.05 7.59
CA ILE A 82 21.11 -18.61 6.92
C ILE A 82 19.84 -18.25 7.68
N VAL A 83 18.73 -18.13 6.92
CA VAL A 83 17.40 -18.14 7.48
C VAL A 83 16.80 -19.50 7.15
N VAL A 84 16.10 -20.11 8.09
CA VAL A 84 15.35 -21.33 7.83
C VAL A 84 13.87 -21.01 8.09
N CYS A 85 12.95 -21.36 7.16
CA CYS A 85 11.57 -20.97 7.38
C CYS A 85 10.58 -21.89 6.68
N ASP A 86 9.37 -21.88 7.22
CA ASP A 86 8.14 -22.39 6.59
C ASP A 86 7.96 -21.71 5.23
N THR A 87 7.31 -22.44 4.27
CA THR A 87 7.01 -21.85 2.96
C THR A 87 5.53 -21.85 2.60
N TYR A 88 4.71 -22.71 3.21
CA TYR A 88 3.35 -22.92 2.71
C TYR A 88 2.47 -21.75 3.10
N ASP A 89 2.81 -21.08 4.23
CA ASP A 89 2.03 -20.04 4.86
C ASP A 89 2.89 -18.82 5.26
N LEU A 90 3.86 -18.47 4.43
CA LEU A 90 4.88 -17.50 4.84
C LEU A 90 5.45 -16.83 3.60
N ILE A 91 5.62 -15.50 3.67
CA ILE A 91 6.27 -14.71 2.63
C ILE A 91 7.24 -13.73 3.26
N PRO A 92 8.35 -13.41 2.57
CA PRO A 92 9.17 -12.25 2.92
C PRO A 92 8.65 -10.95 2.30
N LEU A 93 8.83 -9.86 3.05
CA LEU A 93 8.35 -8.52 2.64
C LEU A 93 9.51 -7.52 2.50
N SER A 94 10.74 -7.95 2.74
N SER A 94 10.74 -7.97 2.73
CA SER A 94 11.90 -7.12 2.48
CA SER A 94 11.92 -7.12 2.54
C SER A 94 13.08 -8.00 2.07
C SER A 94 13.08 -7.99 2.08
N GLY A 95 14.22 -7.34 1.82
CA GLY A 95 15.37 -8.05 1.29
C GLY A 95 16.51 -8.16 2.29
N PRO A 96 17.68 -8.63 1.78
CA PRO A 96 18.78 -9.01 2.65
C PRO A 96 19.39 -7.87 3.47
N GLU A 97 19.41 -6.64 2.94
CA GLU A 97 20.03 -5.55 3.67
C GLU A 97 19.32 -5.31 5.00
N GLU A 98 17.98 -5.25 4.94
CA GLU A 98 17.20 -5.03 6.17
C GLU A 98 17.33 -6.21 7.14
N ILE A 99 17.30 -7.44 6.63
CA ILE A 99 17.43 -8.65 7.45
C ILE A 99 18.77 -8.65 8.21
N LEU A 100 19.87 -8.36 7.52
CA LEU A 100 21.20 -8.37 8.15
C LEU A 100 21.33 -7.25 9.19
N ARG A 101 20.84 -6.03 8.91
CA ARG A 101 20.87 -4.98 9.93
C ARG A 101 20.14 -5.42 11.19
N LYS A 102 18.97 -6.03 11.04
CA LYS A 102 18.19 -6.41 12.18
C LYS A 102 18.88 -7.54 12.96
N TYR A 103 19.37 -8.57 12.28
CA TYR A 103 20.05 -9.69 12.92
C TYR A 103 21.22 -9.17 13.79
N ARG A 104 22.02 -8.27 13.22
CA ARG A 104 23.20 -7.77 13.93
C ARG A 104 22.81 -6.96 15.16
N PHE A 105 21.70 -6.21 15.10
CA PHE A 105 21.23 -5.47 16.25
C PHE A 105 20.69 -6.42 17.31
N LEU A 106 19.90 -7.44 16.90
CA LEU A 106 19.24 -8.35 17.84
C LEU A 106 20.25 -9.22 18.60
N THR A 107 21.35 -9.60 17.93
CA THR A 107 22.31 -10.53 18.54
C THR A 107 23.74 -10.14 18.13
N PRO A 108 24.37 -9.20 18.89
CA PRO A 108 25.77 -8.85 18.64
C PRO A 108 26.72 -10.05 18.77
N ASP A 109 26.35 -11.07 19.53
N ASP A 109 26.31 -11.05 19.55
CA ASP A 109 27.20 -12.24 19.68
CA ASP A 109 27.05 -12.27 19.82
C ASP A 109 26.76 -13.41 18.80
C ASP A 109 26.75 -13.41 18.82
N ASN A 110 25.95 -13.15 17.77
CA ASN A 110 25.73 -14.11 16.68
C ASN A 110 25.04 -15.42 17.13
N LYS A 111 24.04 -15.33 17.99
CA LYS A 111 23.24 -16.44 18.40
C LYS A 111 22.21 -16.79 17.32
N VAL A 112 21.46 -17.87 17.51
CA VAL A 112 20.35 -18.20 16.59
C VAL A 112 19.10 -17.52 17.11
N VAL A 113 18.48 -16.71 16.23
CA VAL A 113 17.29 -15.96 16.53
C VAL A 113 16.06 -16.72 16.06
N PHE A 114 15.14 -17.03 16.97
CA PHE A 114 13.86 -17.69 16.64
C PHE A 114 12.72 -16.67 16.68
N SER A 115 11.68 -16.95 15.87
CA SER A 115 10.41 -16.25 15.99
C SER A 115 9.79 -16.44 17.36
N SER A 116 9.07 -15.42 17.84
CA SER A 116 8.18 -15.57 18.99
C SER A 116 6.76 -15.84 18.54
N GLU A 117 5.88 -16.23 19.46
CA GLU A 117 4.45 -16.35 19.24
C GLU A 117 3.71 -16.24 20.57
N LEU A 118 2.37 -16.15 20.51
CA LEU A 118 1.51 -15.91 21.67
C LEU A 118 1.28 -17.16 22.51
N TYR A 119 1.41 -18.34 21.92
CA TYR A 119 1.00 -19.56 22.61
C TYR A 119 2.16 -20.52 22.81
N CYS A 120 2.07 -21.27 23.93
CA CYS A 120 3.09 -22.24 24.31
C CYS A 120 2.66 -23.63 23.82
N TRP A 121 3.20 -24.04 22.68
CA TRP A 121 2.74 -25.16 21.86
C TRP A 121 3.95 -25.96 21.43
N PRO A 122 3.94 -27.33 21.41
CA PRO A 122 2.80 -28.16 21.79
C PRO A 122 2.59 -28.62 23.23
N ASP A 123 3.51 -28.24 24.12
CA ASP A 123 3.48 -28.68 25.51
C ASP A 123 3.18 -27.48 26.39
N ALA A 124 1.90 -27.34 26.79
CA ALA A 124 1.43 -26.22 27.59
C ALA A 124 2.10 -26.14 28.97
N SER A 125 2.68 -27.25 29.44
CA SER A 125 3.35 -27.28 30.72
C SER A 125 4.74 -26.61 30.68
N LEU A 126 5.26 -26.22 29.50
CA LEU A 126 6.52 -25.51 29.47
C LEU A 126 6.36 -24.06 29.95
N VAL A 127 5.13 -23.59 30.13
CA VAL A 127 4.87 -22.22 30.55
C VAL A 127 5.72 -21.82 31.76
N GLU A 128 5.82 -22.72 32.76
CA GLU A 128 6.52 -22.44 34.00
CA GLU A 128 6.53 -22.46 34.01
C GLU A 128 8.05 -22.53 33.81
N ARG A 129 8.52 -23.03 32.66
CA ARG A 129 9.95 -23.12 32.43
C ARG A 129 10.49 -22.00 31.56
N TYR A 130 9.62 -21.22 30.91
CA TYR A 130 10.08 -20.16 30.03
C TYR A 130 10.58 -18.95 30.82
N PRO A 131 11.55 -18.17 30.28
CA PRO A 131 11.92 -16.88 30.86
C PRO A 131 10.71 -15.96 30.98
N LYS A 132 10.58 -15.26 32.11
CA LYS A 132 9.46 -14.35 32.32
C LYS A 132 9.79 -13.02 31.66
N VAL A 133 8.81 -12.47 30.91
CA VAL A 133 9.00 -11.23 30.16
C VAL A 133 7.71 -10.42 30.25
N ASP A 134 7.81 -9.11 30.00
CA ASP A 134 6.64 -8.21 30.05
C ASP A 134 5.67 -8.42 28.88
N THR A 135 6.21 -8.76 27.72
CA THR A 135 5.42 -8.86 26.49
C THR A 135 4.52 -10.09 26.46
N LYS A 136 3.47 -9.99 25.66
CA LYS A 136 2.60 -11.11 25.35
C LYS A 136 3.26 -12.10 24.37
N TYR A 137 4.32 -11.69 23.67
CA TYR A 137 5.02 -12.55 22.71
C TYR A 137 6.06 -13.41 23.43
N LYS A 138 5.59 -14.37 24.21
CA LYS A 138 6.43 -15.01 25.21
C LYS A 138 7.17 -16.26 24.73
N TYR A 139 6.65 -16.94 23.71
CA TYR A 139 7.04 -18.33 23.43
C TYR A 139 7.69 -18.49 22.07
N LEU A 140 8.41 -19.60 21.86
CA LEU A 140 9.13 -19.84 20.60
C LEU A 140 8.21 -20.41 19.53
N ASN A 141 8.39 -19.92 18.29
CA ASN A 141 7.79 -20.50 17.09
C ASN A 141 8.91 -20.94 16.15
N SER A 142 8.85 -22.22 15.69
CA SER A 142 9.92 -22.81 14.91
C SER A 142 9.72 -22.70 13.39
N GLY A 143 8.72 -21.89 12.98
CA GLY A 143 8.47 -21.65 11.58
C GLY A 143 9.37 -20.63 10.91
N ALA A 144 10.21 -19.91 11.70
CA ALA A 144 11.22 -19.09 11.11
C ALA A 144 12.34 -18.83 12.11
N PHE A 145 13.57 -18.93 11.65
CA PHE A 145 14.73 -18.67 12.52
C PHE A 145 15.93 -18.31 11.66
N MET A 146 16.99 -17.72 12.26
CA MET A 146 18.13 -17.20 11.52
C MET A 146 19.39 -17.33 12.39
N GLY A 147 20.47 -17.85 11.79
CA GLY A 147 21.73 -17.93 12.50
C GLY A 147 22.79 -18.57 11.61
N TYR A 148 23.98 -18.85 12.22
CA TYR A 148 25.05 -19.47 11.46
C TYR A 148 24.85 -20.98 11.30
N ARG A 149 25.20 -21.45 10.09
CA ARG A 149 25.07 -22.85 9.70
C ARG A 149 25.67 -23.82 10.72
N ASP A 150 26.87 -23.49 11.23
CA ASP A 150 27.48 -24.44 12.17
C ASP A 150 26.71 -24.54 13.47
N ASP A 151 26.17 -23.41 13.96
CA ASP A 151 25.38 -23.42 15.17
C ASP A 151 24.08 -24.22 15.02
N ILE A 152 23.42 -24.05 13.86
CA ILE A 152 22.21 -24.78 13.63
C ILE A 152 22.51 -26.28 13.47
N TYR A 153 23.58 -26.58 12.71
CA TYR A 153 24.02 -27.96 12.48
C TYR A 153 24.27 -28.66 13.82
N GLU A 154 25.00 -27.98 14.70
CA GLU A 154 25.30 -28.55 16.01
C GLU A 154 24.03 -28.96 16.77
N MET A 155 22.95 -28.15 16.73
CA MET A 155 21.75 -28.45 17.45
C MET A 155 21.00 -29.67 16.88
N ILE A 156 21.05 -29.89 15.56
CA ILE A 156 20.21 -30.88 14.88
C ILE A 156 20.99 -32.13 14.43
N LYS A 157 22.31 -32.21 14.72
CA LYS A 157 23.18 -33.19 14.06
C LYS A 157 22.78 -34.64 14.29
N ASN A 158 22.07 -34.97 15.35
CA ASN A 158 21.68 -36.35 15.61
C ASN A 158 20.38 -36.72 14.92
N GLY A 159 19.66 -35.75 14.36
CA GLY A 159 18.34 -36.03 13.80
C GLY A 159 17.27 -36.28 14.85
N VAL A 160 16.01 -36.46 14.39
CA VAL A 160 14.84 -36.67 15.22
C VAL A 160 13.95 -37.69 14.48
N LYS A 161 12.82 -38.07 15.07
CA LYS A 161 11.81 -38.88 14.41
C LYS A 161 10.98 -37.97 13.49
N ASP A 162 10.58 -38.50 12.33
CA ASP A 162 9.79 -37.69 11.40
C ASP A 162 8.53 -37.13 12.04
N ARG A 163 7.89 -37.87 12.95
CA ARG A 163 6.64 -37.51 13.57
C ARG A 163 6.83 -36.77 14.90
N ASP A 164 8.11 -36.58 15.33
CA ASP A 164 8.40 -35.73 16.49
C ASP A 164 7.96 -34.30 16.14
N ASP A 165 7.82 -33.47 17.18
CA ASP A 165 7.43 -32.07 17.00
C ASP A 165 8.67 -31.18 16.94
N ASP A 166 8.83 -30.41 15.84
CA ASP A 166 10.03 -29.58 15.67
C ASP A 166 9.98 -28.38 16.61
N GLN A 167 8.81 -27.83 16.85
CA GLN A 167 8.67 -26.67 17.73
C GLN A 167 9.04 -27.08 19.15
N LEU A 168 8.56 -28.24 19.63
CA LEU A 168 8.99 -28.74 20.95
C LEU A 168 10.50 -28.89 21.02
N PHE A 169 11.12 -29.45 19.98
CA PHE A 169 12.57 -29.66 19.93
C PHE A 169 13.31 -28.36 20.20
N PHE A 170 12.99 -27.28 19.45
CA PHE A 170 13.71 -26.02 19.61
C PHE A 170 13.29 -25.27 20.88
N SER A 171 12.06 -25.43 21.36
CA SER A 171 11.60 -24.83 22.62
C SER A 171 12.48 -25.33 23.77
N ILE A 172 12.73 -26.64 23.79
CA ILE A 172 13.54 -27.21 24.85
C ILE A 172 14.96 -26.68 24.76
N LYS A 173 15.51 -26.59 23.56
CA LYS A 173 16.84 -26.04 23.36
C LYS A 173 16.91 -24.59 23.88
N PHE A 174 15.89 -23.78 23.60
CA PHE A 174 15.91 -22.39 24.04
C PHE A 174 15.96 -22.30 25.56
N ILE A 175 15.15 -23.13 26.23
CA ILE A 175 15.06 -23.14 27.70
C ILE A 175 16.34 -23.71 28.34
N GLU A 176 17.00 -24.70 27.72
CA GLU A 176 18.00 -25.49 28.42
C GLU A 176 19.42 -25.09 28.03
N THR A 177 19.62 -24.28 26.98
CA THR A 177 20.93 -23.84 26.47
C THR A 177 20.97 -22.32 26.42
N ASP A 178 22.10 -21.77 25.96
CA ASP A 178 22.22 -20.35 25.67
C ASP A 178 22.38 -20.12 24.17
N LYS A 179 21.91 -21.06 23.33
CA LYS A 179 22.18 -20.96 21.90
C LYS A 179 21.18 -20.06 21.14
N ILE A 180 19.99 -19.89 21.71
CA ILE A 180 18.89 -19.22 21.02
C ILE A 180 18.48 -17.94 21.76
N VAL A 181 18.10 -16.90 20.97
CA VAL A 181 17.35 -15.76 21.51
C VAL A 181 16.05 -15.60 20.72
N LEU A 182 15.05 -15.05 21.39
CA LEU A 182 13.71 -14.86 20.76
C LEU A 182 13.58 -13.43 20.24
N ASP A 183 12.94 -13.32 19.07
CA ASP A 183 12.59 -12.04 18.47
C ASP A 183 11.32 -11.49 19.08
N TYR A 184 11.40 -11.00 20.33
CA TYR A 184 10.23 -10.57 21.07
C TYR A 184 9.53 -9.38 20.40
N LYS A 185 10.31 -8.50 19.74
CA LYS A 185 9.74 -7.27 19.16
C LYS A 185 9.31 -7.45 17.70
N CYS A 186 9.28 -8.71 17.21
CA CYS A 186 8.76 -8.95 15.85
C CYS A 186 9.48 -8.09 14.82
N GLU A 187 10.81 -8.00 14.88
CA GLU A 187 11.62 -7.29 13.92
C GLU A 187 11.85 -8.11 12.66
N LEU A 188 12.35 -9.35 12.84
CA LEU A 188 12.56 -10.25 11.71
C LEU A 188 11.29 -11.02 11.36
N PHE A 189 10.60 -11.52 12.36
CA PHE A 189 9.57 -12.54 12.17
C PHE A 189 8.24 -12.14 12.82
N GLN A 190 7.13 -12.44 12.15
CA GLN A 190 5.80 -12.27 12.70
C GLN A 190 4.98 -13.57 12.55
N ALA A 191 4.70 -14.21 13.70
CA ALA A 191 3.69 -15.26 13.78
C ALA A 191 2.35 -14.56 13.95
N MET A 192 1.50 -14.61 12.93
CA MET A 192 0.31 -13.77 12.85
C MET A 192 -0.91 -14.26 13.64
N TYR A 193 -0.94 -15.54 14.08
CA TYR A 193 -2.14 -16.08 14.70
C TYR A 193 -2.50 -15.36 16.01
N ARG A 194 -3.76 -14.94 16.05
CA ARG A 194 -4.35 -14.13 17.12
C ARG A 194 -3.66 -12.79 17.36
N CYS A 195 -3.05 -12.27 16.31
CA CYS A 195 -2.42 -10.95 16.38
C CYS A 195 -3.13 -9.94 15.49
N ASN A 196 -4.36 -10.25 15.01
CA ASN A 196 -5.07 -9.37 14.11
C ASN A 196 -5.06 -7.92 14.58
N SER A 197 -5.36 -7.66 15.87
CA SER A 197 -5.50 -6.26 16.28
C SER A 197 -4.15 -5.52 16.27
N ASP A 198 -3.02 -6.25 16.31
CA ASP A 198 -1.70 -5.64 16.30
C ASP A 198 -1.29 -5.16 14.89
N LEU A 199 -1.83 -5.75 13.82
CA LEU A 199 -1.24 -5.72 12.48
C LEU A 199 -2.08 -4.88 11.52
N VAL A 200 -1.39 -4.11 10.70
CA VAL A 200 -2.05 -3.34 9.64
CA VAL A 200 -2.07 -3.37 9.63
C VAL A 200 -1.17 -3.39 8.40
N VAL A 201 -1.79 -3.36 7.23
CA VAL A 201 -1.10 -3.17 5.95
C VAL A 201 -0.87 -1.68 5.76
N HIS A 202 0.39 -1.32 5.48
CA HIS A 202 0.79 0.07 5.28
C HIS A 202 2.05 0.11 4.42
N LYS A 203 2.02 0.88 3.33
CA LYS A 203 3.18 1.08 2.48
C LYS A 203 3.83 -0.27 2.08
N ASN A 204 2.97 -1.20 1.66
CA ASN A 204 3.37 -2.50 1.11
C ASN A 204 4.10 -3.35 2.13
N ARG A 205 3.75 -3.15 3.41
CA ARG A 205 4.32 -3.86 4.53
C ARG A 205 3.27 -4.21 5.56
N ILE A 206 3.61 -5.14 6.46
CA ILE A 206 2.89 -5.28 7.74
C ILE A 206 3.57 -4.38 8.77
N PHE A 207 2.76 -3.51 9.42
CA PHE A 207 3.19 -2.77 10.60
C PHE A 207 2.53 -3.38 11.86
N ASN A 208 3.35 -3.72 12.85
CA ASN A 208 2.92 -4.20 14.16
C ASN A 208 2.95 -3.05 15.16
N GLY A 209 1.75 -2.54 15.48
CA GLY A 209 1.62 -1.39 16.37
C GLY A 209 1.90 -1.71 17.83
N TYR A 210 1.83 -2.98 18.22
CA TYR A 210 2.16 -3.38 19.58
C TYR A 210 3.65 -3.30 19.84
N THR A 211 4.46 -3.79 18.88
CA THR A 211 5.91 -3.80 18.99
C THR A 211 6.57 -2.57 18.37
N ASN A 212 5.83 -1.81 17.55
CA ASN A 212 6.44 -0.71 16.76
C ASN A 212 7.54 -1.26 15.87
N SER A 213 7.15 -2.17 14.95
CA SER A 213 8.06 -2.79 14.01
C SER A 213 7.34 -3.09 12.68
N TYR A 214 8.18 -3.28 11.65
CA TYR A 214 7.78 -3.79 10.33
C TYR A 214 8.44 -5.17 10.16
N PRO A 215 7.79 -6.26 10.59
CA PRO A 215 8.42 -7.58 10.49
C PRO A 215 8.77 -7.92 9.04
N VAL A 216 9.93 -8.56 8.84
CA VAL A 216 10.31 -8.97 7.49
C VAL A 216 9.45 -10.14 6.99
N PHE A 217 9.41 -11.23 7.77
CA PHE A 217 8.75 -12.47 7.36
C PHE A 217 7.36 -12.55 7.96
N ALA A 218 6.35 -12.58 7.07
CA ALA A 218 4.95 -12.67 7.47
C ALA A 218 4.49 -14.13 7.46
N HIS A 219 4.22 -14.66 8.65
CA HIS A 219 3.91 -16.07 8.83
C HIS A 219 2.47 -16.23 9.33
N GLY A 220 1.60 -16.75 8.45
CA GLY A 220 0.24 -17.12 8.79
C GLY A 220 0.15 -18.46 9.45
N ASN A 221 0.69 -18.53 10.65
CA ASN A 221 0.80 -19.80 11.36
C ASN A 221 -0.59 -20.27 11.81
N GLY A 222 -0.79 -21.59 11.80
CA GLY A 222 -2.06 -22.14 12.22
C GLY A 222 -3.21 -21.61 11.36
N PRO A 223 -4.39 -21.30 11.93
CA PRO A 223 -5.49 -20.71 11.17
C PRO A 223 -5.22 -19.36 10.53
N ALA A 224 -4.11 -18.67 10.96
CA ALA A 224 -3.84 -17.35 10.37
C ALA A 224 -3.42 -17.41 8.90
N LYS A 225 -3.39 -18.59 8.26
CA LYS A 225 -3.32 -18.65 6.81
C LYS A 225 -4.43 -17.77 6.21
N LYS A 226 -5.60 -17.72 6.84
CA LYS A 226 -6.67 -16.92 6.28
C LYS A 226 -6.29 -15.42 6.28
N LEU A 227 -5.63 -14.93 7.35
CA LEU A 227 -5.23 -13.52 7.46
C LEU A 227 -4.15 -13.19 6.42
N LEU A 228 -3.11 -14.04 6.32
CA LEU A 228 -2.08 -13.82 5.31
C LEU A 228 -2.66 -13.83 3.88
N ASN A 229 -3.57 -14.78 3.57
CA ASN A 229 -4.15 -14.87 2.25
C ASN A 229 -5.01 -13.63 1.94
N HIS A 230 -5.65 -13.12 3.01
CA HIS A 230 -6.43 -11.87 2.89
C HIS A 230 -5.52 -10.69 2.57
N MET A 231 -4.41 -10.53 3.29
CA MET A 231 -3.48 -9.45 3.09
C MET A 231 -2.78 -9.53 1.73
N GLU A 232 -2.57 -10.75 1.20
CA GLU A 232 -1.91 -10.95 -0.09
C GLU A 232 -2.49 -10.08 -1.20
N GLY A 233 -3.81 -9.93 -1.24
CA GLY A 233 -4.45 -9.12 -2.27
C GLY A 233 -4.14 -7.63 -2.19
N TYR A 234 -3.53 -7.16 -1.08
CA TYR A 234 -3.16 -5.75 -0.90
C TYR A 234 -1.65 -5.52 -1.04
N PHE A 235 -0.84 -6.60 -1.12
CA PHE A 235 0.58 -6.50 -1.33
C PHE A 235 0.90 -6.50 -2.81
N MET A 236 2.11 -6.09 -3.14
CA MET A 236 2.63 -6.19 -4.51
C MET A 236 4.08 -6.69 -4.45
N THR A 237 4.46 -7.40 -5.55
CA THR A 237 5.85 -7.80 -5.72
C THR A 237 6.59 -6.83 -6.62
N GLU A 238 5.87 -5.97 -7.33
CA GLU A 238 6.45 -4.95 -8.20
CA GLU A 238 6.43 -4.97 -8.22
C GLU A 238 5.37 -3.87 -8.36
N PRO A 239 5.75 -2.62 -8.69
CA PRO A 239 4.73 -1.59 -8.87
C PRO A 239 3.71 -2.03 -9.88
N ILE A 240 2.46 -1.65 -9.67
CA ILE A 240 1.46 -2.13 -10.61
C ILE A 240 1.51 -1.34 -11.92
N ASP A 241 1.04 -2.02 -12.96
CA ASP A 241 0.90 -1.41 -14.27
C ASP A 241 -0.48 -0.77 -14.36
N GLY A 242 -0.54 0.54 -14.13
CA GLY A 242 -1.79 1.24 -14.12
C GLY A 242 -2.54 1.19 -15.43
N SER A 243 -1.91 0.85 -16.57
CA SER A 243 -2.61 0.73 -17.85
C SER A 243 -3.11 -0.70 -18.13
N SER A 244 -3.11 -1.57 -17.11
CA SER A 244 -3.47 -2.99 -17.28
C SER A 244 -4.84 -3.19 -17.91
N ASN A 245 -5.84 -2.37 -17.56
CA ASN A 245 -7.20 -2.48 -18.11
C ASN A 245 -7.63 -1.30 -18.98
N THR A 246 -6.65 -0.44 -19.41
CA THR A 246 -7.00 0.73 -20.23
C THR A 246 -7.65 0.23 -21.53
N ILE A 247 -7.07 -0.83 -22.10
CA ILE A 247 -7.67 -1.66 -23.14
C ILE A 247 -8.21 -2.92 -22.47
N ASN A 248 -9.50 -3.17 -22.59
CA ASN A 248 -10.11 -4.30 -21.88
C ASN A 248 -10.61 -5.42 -22.81
N THR A 249 -10.01 -5.52 -24.01
CA THR A 249 -10.17 -6.65 -24.92
C THR A 249 -8.86 -7.45 -24.88
N PHE A 250 -8.96 -8.77 -25.00
CA PHE A 250 -7.84 -9.68 -24.84
C PHE A 250 -7.89 -10.74 -25.94
N LYS A 251 -6.71 -11.08 -26.50
CA LYS A 251 -6.60 -12.10 -27.54
C LYS A 251 -5.23 -12.77 -27.50
N LEU A 252 -5.21 -14.09 -27.35
CA LEU A 252 -4.02 -14.91 -27.55
C LEU A 252 -3.91 -15.27 -29.05
N ASP A 253 -2.74 -15.03 -29.67
CA ASP A 253 -2.53 -15.43 -31.06
C ASP A 253 -2.27 -16.93 -31.18
N ASN A 254 -1.69 -17.52 -30.14
CA ASN A 254 -1.42 -18.95 -30.07
C ASN A 254 -2.21 -19.54 -28.90
N GLU A 255 -3.35 -20.14 -29.22
CA GLU A 255 -4.29 -20.58 -28.17
C GLU A 255 -3.85 -21.94 -27.61
N PRO A 256 -3.60 -22.06 -26.29
CA PRO A 256 -3.40 -23.36 -25.64
C PRO A 256 -4.73 -24.11 -25.66
N LYS A 257 -4.66 -25.42 -25.61
CA LYS A 257 -5.85 -26.26 -25.68
C LYS A 257 -6.58 -26.18 -24.33
N VAL A 258 -7.88 -25.87 -24.38
CA VAL A 258 -8.75 -25.76 -23.21
C VAL A 258 -9.84 -26.83 -23.28
N PHE A 259 -10.00 -27.57 -22.18
CA PHE A 259 -11.02 -28.58 -22.00
C PHE A 259 -12.21 -27.94 -21.29
N PHE A 260 -13.36 -27.77 -21.99
CA PHE A 260 -14.55 -27.19 -21.42
C PHE A 260 -15.35 -28.33 -20.80
N ALA A 261 -15.53 -28.27 -19.48
CA ALA A 261 -16.30 -29.23 -18.73
C ALA A 261 -17.59 -28.54 -18.29
N LEU A 262 -18.70 -28.84 -18.96
CA LEU A 262 -19.97 -28.17 -18.74
C LEU A 262 -20.85 -29.05 -17.86
N TYR A 263 -21.30 -28.54 -16.73
CA TYR A 263 -22.16 -29.27 -15.80
C TYR A 263 -23.58 -28.77 -16.01
N VAL A 264 -24.43 -29.67 -16.58
CA VAL A 264 -25.70 -29.26 -17.13
C VAL A 264 -26.81 -30.11 -16.51
N ASP A 265 -28.06 -29.68 -16.77
CA ASP A 265 -29.25 -30.35 -16.27
C ASP A 265 -30.36 -30.24 -17.30
N SER A 266 -30.52 -31.30 -18.12
CA SER A 266 -31.51 -31.30 -19.19
C SER A 266 -32.94 -31.49 -18.65
N ASN A 267 -33.12 -31.66 -17.34
CA ASN A 267 -34.44 -31.57 -16.76
C ASN A 267 -34.99 -30.14 -16.81
N ASP A 268 -34.13 -29.12 -17.06
CA ASP A 268 -34.59 -27.77 -17.34
C ASP A 268 -34.08 -27.38 -18.72
N LEU A 269 -34.84 -27.78 -19.74
CA LEU A 269 -34.33 -27.73 -21.10
C LEU A 269 -34.15 -26.29 -21.57
N SER A 270 -35.03 -25.38 -21.16
CA SER A 270 -34.92 -24.00 -21.58
C SER A 270 -33.67 -23.34 -20.98
N ALA A 271 -33.39 -23.61 -19.71
CA ALA A 271 -32.14 -23.15 -19.08
C ALA A 271 -30.91 -23.70 -19.81
N LEU A 272 -30.90 -25.00 -20.14
CA LEU A 272 -29.80 -25.64 -20.82
C LEU A 272 -29.56 -24.93 -22.15
N LYS A 273 -30.61 -24.67 -22.92
CA LYS A 273 -30.42 -24.02 -24.23
C LYS A 273 -29.89 -22.60 -24.08
N GLN A 274 -30.39 -21.83 -23.11
CA GLN A 274 -29.92 -20.46 -22.92
C GLN A 274 -28.42 -20.49 -22.57
N PHE A 275 -28.05 -21.41 -21.68
CA PHE A 275 -26.65 -21.54 -21.27
C PHE A 275 -25.72 -21.92 -22.42
N LEU A 276 -26.09 -22.92 -23.21
CA LEU A 276 -25.27 -23.36 -24.34
C LEU A 276 -25.13 -22.23 -25.36
N GLY A 277 -26.18 -21.44 -25.57
CA GLY A 277 -26.05 -20.31 -26.51
C GLY A 277 -24.99 -19.29 -26.07
N LYS A 278 -24.82 -19.07 -24.76
CA LYS A 278 -23.78 -18.21 -24.24
C LYS A 278 -22.42 -18.91 -24.32
N VAL A 279 -22.33 -20.20 -23.99
CA VAL A 279 -21.07 -20.90 -24.08
C VAL A 279 -20.56 -20.90 -25.53
N ALA A 280 -21.44 -21.13 -26.50
CA ALA A 280 -21.04 -21.20 -27.90
C ALA A 280 -20.58 -19.83 -28.43
N SER A 281 -20.90 -18.73 -27.72
CA SER A 281 -20.41 -17.42 -28.12
C SER A 281 -19.12 -17.01 -27.42
N ILE A 282 -18.60 -17.86 -26.50
CA ILE A 282 -17.28 -17.63 -25.97
C ILE A 282 -16.29 -17.86 -27.12
N GLN A 283 -15.45 -16.88 -27.39
CA GLN A 283 -14.57 -16.92 -28.56
C GLN A 283 -13.29 -17.69 -28.20
N TYR A 284 -13.19 -18.89 -28.70
CA TYR A 284 -12.02 -19.75 -28.43
C TYR A 284 -12.05 -20.91 -29.41
N GLY A 285 -10.95 -21.07 -30.15
CA GLY A 285 -10.84 -22.08 -31.19
C GLY A 285 -10.34 -23.44 -30.72
N ASN A 286 -9.28 -23.42 -29.89
CA ASN A 286 -8.54 -24.63 -29.57
C ASN A 286 -9.13 -25.25 -28.31
N LYS A 287 -10.23 -25.97 -28.49
CA LYS A 287 -11.04 -26.44 -27.38
C LYS A 287 -11.62 -27.79 -27.69
N VAL A 288 -11.96 -28.49 -26.61
CA VAL A 288 -12.77 -29.68 -26.66
C VAL A 288 -13.85 -29.49 -25.60
N ILE A 289 -15.06 -29.93 -25.89
CA ILE A 289 -16.22 -29.66 -25.05
C ILE A 289 -16.89 -30.96 -24.65
N TYR A 290 -17.03 -31.13 -23.34
CA TYR A 290 -17.73 -32.24 -22.74
C TYR A 290 -18.92 -31.71 -21.94
N LEU A 291 -20.04 -32.43 -22.07
CA LEU A 291 -21.26 -32.12 -21.32
C LEU A 291 -21.51 -33.24 -20.32
N TYR A 292 -21.63 -32.88 -19.04
CA TYR A 292 -21.87 -33.79 -17.94
C TYR A 292 -23.25 -33.46 -17.36
N ASP A 293 -24.29 -34.23 -17.75
CA ASP A 293 -25.68 -33.94 -17.43
C ASP A 293 -26.15 -34.73 -16.21
N ARG A 294 -26.73 -34.05 -15.23
CA ARG A 294 -27.18 -34.73 -14.04
C ARG A 294 -28.48 -35.49 -14.28
N SER A 295 -29.17 -35.20 -15.38
CA SER A 295 -30.41 -35.90 -15.69
C SER A 295 -30.12 -37.37 -15.94
N ASP A 296 -31.10 -38.21 -15.55
CA ASP A 296 -31.12 -39.62 -15.93
C ASP A 296 -32.05 -39.90 -17.10
N ASN A 297 -32.79 -38.88 -17.58
CA ASN A 297 -33.71 -39.06 -18.70
C ASN A 297 -32.93 -38.99 -20.02
N GLU A 298 -33.01 -40.08 -20.82
CA GLU A 298 -32.25 -40.19 -22.06
C GLU A 298 -32.95 -39.53 -23.27
N GLN A 299 -34.09 -38.87 -23.07
CA GLN A 299 -34.92 -38.48 -24.20
C GLN A 299 -34.29 -37.35 -25.01
N ASN A 300 -33.32 -36.60 -24.43
CA ASN A 300 -32.74 -35.44 -25.11
C ASN A 300 -31.37 -35.78 -25.69
N ARG A 301 -30.92 -37.04 -25.60
CA ARG A 301 -29.58 -37.42 -26.07
C ARG A 301 -29.38 -37.17 -27.57
N LYS A 302 -30.34 -37.61 -28.38
CA LYS A 302 -30.17 -37.55 -29.83
C LYS A 302 -30.03 -36.08 -30.25
N LEU A 303 -30.90 -35.22 -29.72
CA LEU A 303 -30.92 -33.80 -30.06
C LEU A 303 -29.61 -33.13 -29.60
N ILE A 304 -29.21 -33.35 -28.35
CA ILE A 304 -28.03 -32.68 -27.81
C ILE A 304 -26.81 -33.13 -28.59
N GLN A 305 -26.68 -34.44 -28.88
CA GLN A 305 -25.48 -34.98 -29.51
C GLN A 305 -25.26 -34.51 -30.94
N ILE A 306 -26.29 -34.05 -31.62
CA ILE A 306 -26.09 -33.39 -32.89
C ILE A 306 -25.08 -32.24 -32.75
N SER A 307 -25.20 -31.45 -31.67
CA SER A 307 -24.39 -30.26 -31.48
C SER A 307 -23.16 -30.51 -30.62
N TYR A 308 -23.29 -31.45 -29.65
CA TYR A 308 -22.28 -31.72 -28.62
C TYR A 308 -22.18 -33.24 -28.48
N PRO A 309 -21.39 -33.92 -29.33
CA PRO A 309 -21.27 -35.38 -29.26
C PRO A 309 -20.71 -35.98 -27.96
N ASN A 310 -19.92 -35.19 -27.21
CA ASN A 310 -19.32 -35.71 -26.00
C ASN A 310 -20.24 -35.49 -24.80
N TYR A 311 -21.26 -36.34 -24.69
CA TYR A 311 -22.39 -36.12 -23.80
C TYR A 311 -22.59 -37.31 -22.88
N HIS A 312 -22.71 -37.06 -21.57
CA HIS A 312 -22.81 -38.10 -20.55
C HIS A 312 -23.95 -37.78 -19.61
N THR A 313 -24.75 -38.80 -19.26
CA THR A 313 -25.87 -38.62 -18.34
C THR A 313 -25.60 -39.25 -16.99
N GLY A 314 -26.46 -38.90 -16.04
CA GLY A 314 -26.38 -39.42 -14.68
C GLY A 314 -25.15 -38.92 -13.91
N VAL A 315 -24.57 -37.75 -14.26
CA VAL A 315 -23.36 -37.31 -13.60
C VAL A 315 -23.70 -36.30 -12.51
N THR A 316 -23.31 -36.58 -11.27
CA THR A 316 -23.59 -35.70 -10.16
C THR A 316 -22.32 -35.30 -9.41
N LYS A 317 -21.14 -35.60 -9.95
CA LYS A 317 -19.88 -35.16 -9.36
C LYS A 317 -19.02 -34.50 -10.45
N TYR A 318 -18.03 -33.69 -10.06
CA TYR A 318 -17.09 -33.18 -11.02
C TYR A 318 -16.16 -34.30 -11.47
N VAL A 319 -15.87 -34.34 -12.78
CA VAL A 319 -15.15 -35.43 -13.43
C VAL A 319 -13.86 -34.90 -14.07
N PHE A 320 -12.74 -35.59 -13.80
CA PHE A 320 -11.44 -35.20 -14.34
C PHE A 320 -10.80 -36.26 -15.25
N ASP A 321 -11.36 -37.46 -15.35
CA ASP A 321 -10.71 -38.53 -16.13
C ASP A 321 -10.66 -38.24 -17.63
N ASP A 322 -11.70 -37.61 -18.20
CA ASP A 322 -11.65 -37.31 -19.62
C ASP A 322 -10.56 -36.28 -19.88
N PHE A 323 -10.48 -35.23 -19.02
CA PHE A 323 -9.41 -34.23 -19.15
C PHE A 323 -8.04 -34.90 -19.10
N LYS A 324 -7.85 -35.80 -18.14
CA LYS A 324 -6.52 -36.39 -17.94
C LYS A 324 -6.10 -37.20 -19.18
N LYS A 325 -7.06 -37.80 -19.85
CA LYS A 325 -6.76 -38.58 -21.06
C LYS A 325 -6.48 -37.67 -22.26
N SER A 326 -6.95 -36.42 -22.23
CA SER A 326 -6.71 -35.44 -23.28
C SER A 326 -5.31 -34.82 -23.17
N ASP A 327 -4.95 -34.03 -24.18
CA ASP A 327 -3.73 -33.25 -24.23
C ASP A 327 -3.97 -31.79 -23.87
N ALA A 328 -5.13 -31.48 -23.25
CA ALA A 328 -5.43 -30.11 -22.87
C ALA A 328 -4.48 -29.57 -21.80
N GLN A 329 -4.27 -28.27 -21.83
CA GLN A 329 -3.42 -27.58 -20.87
C GLN A 329 -4.21 -26.89 -19.75
N PHE A 330 -5.50 -26.65 -19.98
CA PHE A 330 -6.37 -26.04 -18.99
C PHE A 330 -7.70 -26.79 -18.88
N TYR A 331 -8.29 -26.78 -17.69
CA TYR A 331 -9.65 -27.28 -17.44
C TYR A 331 -10.53 -26.09 -17.09
N PHE A 332 -11.62 -25.90 -17.85
CA PHE A 332 -12.52 -24.76 -17.68
C PHE A 332 -13.87 -25.34 -17.26
N LEU A 333 -14.18 -25.22 -15.97
CA LEU A 333 -15.39 -25.72 -15.33
C LEU A 333 -16.48 -24.64 -15.48
N LEU A 334 -17.66 -25.01 -16.02
CA LEU A 334 -18.78 -24.07 -16.20
CA LEU A 334 -18.78 -24.07 -16.19
C LEU A 334 -20.07 -24.77 -15.76
N GLU A 335 -20.77 -24.17 -14.79
CA GLU A 335 -22.07 -24.62 -14.35
C GLU A 335 -23.19 -23.90 -15.13
N GLN A 336 -24.28 -24.66 -15.40
CA GLN A 336 -25.43 -24.18 -16.19
C GLN A 336 -26.08 -22.90 -15.71
N ASN A 337 -26.08 -22.61 -14.39
CA ASN A 337 -26.65 -21.33 -13.91
C ASN A 337 -25.68 -20.12 -13.98
N CYS A 338 -24.50 -20.27 -14.61
CA CYS A 338 -23.51 -19.18 -14.76
C CYS A 338 -23.50 -18.71 -16.23
N ILE A 339 -24.00 -17.49 -16.45
CA ILE A 339 -24.18 -16.94 -17.79
C ILE A 339 -23.02 -15.98 -18.09
N ILE A 340 -22.17 -16.36 -19.02
CA ILE A 340 -21.01 -15.57 -19.40
C ILE A 340 -21.36 -14.68 -20.57
N THR A 341 -21.12 -13.38 -20.41
CA THR A 341 -21.42 -12.40 -21.45
C THR A 341 -20.18 -11.76 -22.05
N LYS A 342 -19.00 -11.84 -21.42
CA LYS A 342 -17.77 -11.30 -21.95
C LYS A 342 -17.12 -12.32 -22.88
N LYS A 343 -17.22 -12.14 -24.20
CA LYS A 343 -16.88 -13.18 -25.17
C LYS A 343 -15.40 -13.57 -25.18
N ASP A 344 -14.51 -12.62 -24.86
CA ASP A 344 -13.07 -12.88 -24.81
C ASP A 344 -12.55 -13.35 -23.46
N ILE A 345 -13.46 -13.78 -22.58
CA ILE A 345 -13.07 -14.08 -21.20
C ILE A 345 -11.92 -15.09 -21.07
N LEU A 346 -11.89 -16.16 -21.89
CA LEU A 346 -10.86 -17.16 -21.69
CA LEU A 346 -10.87 -17.17 -21.67
C LEU A 346 -9.48 -16.60 -22.01
N HIS A 347 -9.39 -15.73 -23.03
CA HIS A 347 -8.14 -15.07 -23.32
C HIS A 347 -7.72 -14.26 -22.09
N GLU A 348 -8.65 -13.47 -21.52
CA GLU A 348 -8.36 -12.63 -20.35
C GLU A 348 -7.84 -13.49 -19.17
N LEU A 349 -8.50 -14.62 -18.92
CA LEU A 349 -8.17 -15.45 -17.75
C LEU A 349 -6.83 -16.14 -17.93
N ILE A 350 -6.57 -16.71 -19.13
CA ILE A 350 -5.33 -17.44 -19.34
C ILE A 350 -4.13 -16.49 -19.17
N MET A 351 -4.28 -15.22 -19.57
CA MET A 351 -3.22 -14.24 -19.39
C MET A 351 -2.85 -14.00 -17.92
N GLN A 352 -3.71 -14.36 -16.95
CA GLN A 352 -3.38 -14.15 -15.54
C GLN A 352 -2.72 -15.39 -14.92
N VAL A 353 -2.68 -16.51 -15.63
CA VAL A 353 -2.15 -17.77 -15.10
C VAL A 353 -0.61 -17.73 -15.19
N LYS A 354 -0.01 -17.53 -14.02
CA LYS A 354 1.44 -17.51 -13.90
C LYS A 354 1.85 -17.63 -12.44
N ASP A 355 3.03 -18.20 -12.19
CA ASP A 355 3.53 -18.41 -10.83
C ASP A 355 2.52 -19.17 -9.99
N ASN A 356 2.17 -18.57 -8.81
CA ASN A 356 1.26 -19.20 -7.88
C ASN A 356 -0.22 -18.94 -8.22
N HIS A 357 -0.50 -18.31 -9.36
CA HIS A 357 -1.88 -18.12 -9.80
C HIS A 357 -2.29 -19.15 -10.82
N ARG A 358 -2.91 -20.23 -10.37
CA ARG A 358 -3.20 -21.37 -11.24
C ARG A 358 -4.68 -21.76 -11.29
N VAL A 359 -5.52 -21.23 -10.36
CA VAL A 359 -6.95 -21.49 -10.31
C VAL A 359 -7.62 -20.12 -10.23
N ILE A 360 -8.37 -19.74 -11.24
CA ILE A 360 -8.89 -18.38 -11.39
C ILE A 360 -10.38 -18.44 -11.70
N SER A 361 -11.18 -17.66 -10.96
CA SER A 361 -12.62 -17.65 -11.10
C SER A 361 -13.16 -16.22 -11.29
N PRO A 362 -13.73 -15.88 -12.45
CA PRO A 362 -14.34 -14.56 -12.64
C PRO A 362 -15.52 -14.31 -11.69
N MET A 363 -15.58 -13.12 -11.09
CA MET A 363 -16.65 -12.77 -10.17
C MET A 363 -17.90 -12.33 -10.91
N ILE A 364 -19.00 -13.08 -10.69
CA ILE A 364 -20.34 -12.81 -11.22
C ILE A 364 -21.34 -12.84 -10.09
N GLY A 365 -22.33 -11.93 -10.18
CA GLY A 365 -23.43 -11.82 -9.19
C GLY A 365 -24.74 -12.31 -9.78
N TYR A 366 -25.69 -12.60 -8.89
CA TYR A 366 -27.03 -12.89 -9.34
C TYR A 366 -27.60 -11.71 -10.10
N GLU A 367 -28.37 -12.04 -11.15
CA GLU A 367 -28.98 -11.03 -12.00
C GLU A 367 -29.79 -10.02 -11.19
N GLN A 368 -30.58 -10.47 -10.21
CA GLN A 368 -31.44 -9.56 -9.45
C GLN A 368 -30.75 -9.08 -8.17
N ASN A 369 -29.52 -9.54 -7.90
CA ASN A 369 -28.92 -9.31 -6.60
C ASN A 369 -27.41 -9.40 -6.76
N SER A 370 -26.80 -8.34 -7.31
CA SER A 370 -25.44 -8.42 -7.82
C SER A 370 -24.43 -8.52 -6.69
N THR A 371 -24.80 -8.21 -5.44
CA THR A 371 -23.83 -8.35 -4.37
C THR A 371 -23.80 -9.76 -3.79
N ARG A 372 -24.66 -10.68 -4.25
CA ARG A 372 -24.51 -12.09 -3.91
C ARG A 372 -23.76 -12.75 -5.08
N THR A 373 -22.51 -13.19 -4.84
CA THR A 373 -21.63 -13.60 -5.95
C THR A 373 -21.21 -15.06 -5.79
N ASN A 374 -20.40 -15.49 -6.78
CA ASN A 374 -19.86 -16.85 -6.85
C ASN A 374 -18.53 -17.02 -6.13
N PHE A 375 -18.19 -16.17 -5.14
CA PHE A 375 -17.06 -16.48 -4.27
C PHE A 375 -17.51 -16.20 -2.81
N TRP A 376 -16.84 -16.86 -1.85
CA TRP A 376 -17.01 -16.59 -0.43
C TRP A 376 -15.70 -16.00 0.08
N GLY A 377 -15.77 -14.90 0.82
CA GLY A 377 -14.56 -14.28 1.36
C GLY A 377 -14.02 -14.91 2.64
N ASP A 378 -14.90 -15.59 3.37
CA ASP A 378 -14.59 -16.33 4.58
C ASP A 378 -15.55 -17.50 4.70
N ILE A 379 -15.24 -18.39 5.66
N ILE A 379 -15.19 -18.42 5.61
CA ILE A 379 -15.96 -19.64 5.83
CA ILE A 379 -15.98 -19.61 5.87
C ILE A 379 -16.01 -19.98 7.32
C ILE A 379 -16.07 -19.85 7.37
N GLU A 380 -17.17 -20.47 7.79
CA GLU A 380 -17.34 -20.84 9.19
C GLU A 380 -18.13 -22.14 9.23
N ASP A 381 -17.53 -23.16 9.86
CA ASP A 381 -18.02 -24.53 9.88
C ASP A 381 -18.43 -24.93 8.46
N GLY A 382 -17.65 -24.52 7.47
CA GLY A 382 -17.83 -24.95 6.09
C GLY A 382 -18.72 -24.07 5.20
N TYR A 383 -19.47 -23.12 5.77
CA TYR A 383 -20.42 -22.30 5.02
C TYR A 383 -20.00 -20.83 4.96
N TYR A 384 -20.71 -20.04 4.17
CA TYR A 384 -20.35 -18.65 3.89
C TYR A 384 -20.30 -17.83 5.19
N LYS A 385 -19.26 -17.00 5.30
CA LYS A 385 -19.16 -15.95 6.31
C LYS A 385 -18.70 -14.65 5.60
N ARG A 386 -19.26 -13.50 5.99
CA ARG A 386 -18.90 -12.22 5.40
C ARG A 386 -17.53 -11.75 5.86
N SER A 387 -16.61 -11.57 4.90
CA SER A 387 -15.28 -11.04 5.19
C SER A 387 -15.32 -9.51 5.28
N GLU A 388 -14.19 -8.96 5.78
CA GLU A 388 -14.06 -7.52 6.00
C GLU A 388 -14.16 -6.73 4.69
N ASN A 389 -13.68 -7.32 3.57
CA ASN A 389 -13.68 -6.61 2.29
C ASN A 389 -14.64 -7.21 1.25
N TYR A 390 -15.55 -8.09 1.66
CA TYR A 390 -16.44 -8.77 0.71
C TYR A 390 -17.26 -7.76 -0.14
N LEU A 391 -17.91 -6.81 0.51
CA LEU A 391 -18.72 -5.85 -0.21
C LEU A 391 -17.89 -4.95 -1.12
N ASP A 392 -16.68 -4.57 -0.65
CA ASP A 392 -15.77 -3.78 -1.49
C ASP A 392 -15.49 -4.51 -2.80
N LEU A 393 -15.22 -5.80 -2.70
CA LEU A 393 -14.95 -6.60 -3.88
C LEU A 393 -16.18 -6.77 -4.79
N ALA A 394 -17.34 -7.12 -4.21
CA ALA A 394 -18.58 -7.33 -4.93
C ALA A 394 -19.08 -6.06 -5.67
N LYS A 395 -18.70 -4.88 -5.15
CA LYS A 395 -19.08 -3.60 -5.76
C LYS A 395 -17.91 -2.96 -6.54
N HIS A 396 -16.81 -3.70 -6.73
CA HIS A 396 -15.70 -3.24 -7.54
C HIS A 396 -15.05 -1.96 -6.99
N LYS A 397 -15.03 -1.77 -5.67
N LYS A 397 -15.03 -1.77 -5.67
CA LYS A 397 -14.33 -0.64 -5.07
CA LYS A 397 -14.32 -0.63 -5.09
C LYS A 397 -12.82 -0.76 -5.27
C LYS A 397 -12.82 -0.76 -5.29
N VAL A 398 -12.32 -2.00 -5.30
CA VAL A 398 -10.96 -2.32 -5.69
C VAL A 398 -11.05 -3.55 -6.62
N ARG A 399 -10.09 -3.72 -7.52
CA ARG A 399 -10.11 -4.77 -8.52
C ARG A 399 -8.75 -5.47 -8.56
N GLY A 400 -8.76 -6.72 -8.99
CA GLY A 400 -7.54 -7.52 -9.14
C GLY A 400 -7.84 -9.01 -8.90
N LEU A 401 -6.80 -9.72 -8.40
CA LEU A 401 -6.88 -11.11 -8.00
C LEU A 401 -6.86 -11.23 -6.48
N TRP A 402 -7.72 -12.11 -5.94
CA TRP A 402 -8.00 -12.18 -4.51
C TRP A 402 -7.99 -13.65 -4.07
N ASN A 403 -7.15 -13.98 -3.08
CA ASN A 403 -6.99 -15.35 -2.59
C ASN A 403 -8.10 -15.65 -1.59
N VAL A 404 -9.09 -16.45 -2.00
CA VAL A 404 -10.31 -16.65 -1.21
C VAL A 404 -10.53 -18.15 -0.95
N PRO A 405 -11.34 -18.51 0.07
CA PRO A 405 -11.50 -19.92 0.42
C PRO A 405 -12.44 -20.73 -0.47
N TYR A 406 -13.32 -20.07 -1.22
CA TYR A 406 -14.33 -20.74 -2.05
C TYR A 406 -14.65 -19.90 -3.28
N VAL A 407 -14.67 -20.59 -4.44
CA VAL A 407 -15.14 -20.07 -5.72
C VAL A 407 -16.08 -21.11 -6.33
N TYR A 408 -17.02 -20.65 -7.15
CA TYR A 408 -18.05 -21.50 -7.78
C TYR A 408 -18.24 -21.22 -9.25
N GLY A 409 -18.52 -22.29 -10.02
CA GLY A 409 -19.37 -22.19 -11.21
C GLY A 409 -18.68 -21.79 -12.49
N VAL A 410 -17.64 -20.96 -12.40
CA VAL A 410 -16.82 -20.58 -13.54
C VAL A 410 -15.38 -20.60 -13.05
N ILE A 411 -14.63 -21.65 -13.35
CA ILE A 411 -13.30 -21.86 -12.78
C ILE A 411 -12.34 -22.33 -13.86
N LEU A 412 -11.23 -21.61 -14.06
CA LEU A 412 -10.15 -22.02 -14.95
C LEU A 412 -9.02 -22.61 -14.10
N MET A 413 -8.60 -23.84 -14.41
CA MET A 413 -7.52 -24.50 -13.68
C MET A 413 -6.41 -24.97 -14.63
N HIS A 414 -5.17 -24.59 -14.32
CA HIS A 414 -4.01 -25.08 -15.05
C HIS A 414 -3.85 -26.60 -14.89
N GLU A 415 -3.35 -27.24 -15.94
CA GLU A 415 -3.17 -28.69 -15.88
C GLU A 415 -2.23 -29.16 -14.76
N SER A 416 -1.30 -28.32 -14.30
CA SER A 416 -0.37 -28.76 -13.25
C SER A 416 -1.12 -29.00 -11.94
N VAL A 417 -2.29 -28.34 -11.75
CA VAL A 417 -3.17 -28.61 -10.62
C VAL A 417 -3.94 -29.91 -10.88
N VAL A 418 -4.68 -29.97 -11.98
CA VAL A 418 -5.61 -31.06 -12.19
C VAL A 418 -4.89 -32.42 -12.33
N ARG A 419 -3.76 -32.45 -13.02
CA ARG A 419 -3.05 -33.71 -13.30
C ARG A 419 -2.34 -34.28 -12.07
N ASN A 420 -1.99 -33.44 -11.08
CA ASN A 420 -1.05 -33.83 -10.05
C ASN A 420 -1.64 -33.96 -8.63
N TRP A 421 -2.92 -33.57 -8.43
CA TRP A 421 -3.50 -33.48 -7.12
C TRP A 421 -4.88 -34.12 -7.09
N ASP A 422 -5.27 -34.64 -5.90
CA ASP A 422 -6.58 -35.24 -5.73
C ASP A 422 -7.60 -34.15 -5.46
N LEU A 423 -8.46 -33.85 -6.43
CA LEU A 423 -9.47 -32.80 -6.31
C LEU A 423 -10.85 -33.38 -5.95
N SER A 424 -10.86 -34.66 -5.61
CA SER A 424 -12.08 -35.43 -5.39
C SER A 424 -12.24 -35.85 -3.92
N MET A 425 -11.65 -35.12 -2.98
CA MET A 425 -11.80 -35.46 -1.57
C MET A 425 -13.23 -35.11 -1.12
N VAL A 426 -13.71 -35.81 -0.08
CA VAL A 426 -15.07 -35.65 0.42
C VAL A 426 -15.05 -35.14 1.86
N LYS A 427 -15.83 -34.08 2.11
CA LYS A 427 -16.08 -33.61 3.46
C LYS A 427 -17.55 -33.26 3.60
N TYR A 428 -18.10 -32.47 2.68
CA TYR A 428 -19.45 -31.94 2.80
C TYR A 428 -20.47 -32.70 1.94
N ASN A 429 -20.00 -33.63 1.10
CA ASN A 429 -20.87 -34.35 0.18
C ASN A 429 -21.61 -33.35 -0.70
N ASP A 430 -20.86 -32.39 -1.28
CA ASP A 430 -21.38 -31.32 -2.09
C ASP A 430 -20.28 -30.99 -3.10
N LYS A 431 -20.55 -31.09 -4.41
CA LYS A 431 -19.44 -31.07 -5.38
C LYS A 431 -18.68 -29.74 -5.29
N ASP A 432 -19.38 -28.60 -5.27
CA ASP A 432 -18.67 -27.33 -5.32
C ASP A 432 -17.89 -27.08 -4.02
N MET A 433 -18.47 -27.43 -2.88
CA MET A 433 -17.83 -27.22 -1.58
C MET A 433 -16.64 -28.17 -1.41
N ASP A 434 -16.76 -29.36 -1.95
CA ASP A 434 -15.70 -30.36 -1.79
C ASP A 434 -14.51 -30.12 -2.71
N LEU A 435 -14.74 -29.53 -3.89
CA LEU A 435 -13.66 -29.10 -4.76
C LEU A 435 -12.80 -28.07 -4.03
N CYS A 436 -13.45 -27.06 -3.43
CA CYS A 436 -12.68 -26.01 -2.76
C CYS A 436 -11.99 -26.54 -1.50
N PHE A 437 -12.66 -27.43 -0.77
CA PHE A 437 -12.06 -28.11 0.37
C PHE A 437 -10.77 -28.81 -0.04
N SER A 438 -10.80 -29.54 -1.18
CA SER A 438 -9.63 -30.26 -1.66
C SER A 438 -8.45 -29.31 -1.96
N LEU A 439 -8.75 -28.22 -2.68
CA LEU A 439 -7.74 -27.21 -3.02
C LEU A 439 -7.15 -26.62 -1.73
N ARG A 440 -7.97 -26.24 -0.75
CA ARG A 440 -7.45 -25.67 0.50
C ARG A 440 -6.50 -26.69 1.18
N LYS A 441 -6.90 -27.96 1.18
CA LYS A 441 -6.12 -29.03 1.84
C LYS A 441 -4.72 -29.13 1.24
N HIS A 442 -4.59 -28.94 -0.08
CA HIS A 442 -3.34 -29.07 -0.80
C HIS A 442 -2.49 -27.80 -0.87
N THR A 443 -2.99 -26.69 -0.28
CA THR A 443 -2.33 -25.39 -0.39
C THR A 443 -2.21 -25.02 -1.87
N ILE A 444 -3.33 -25.23 -2.59
CA ILE A 444 -3.56 -24.68 -3.91
CA ILE A 444 -3.56 -24.69 -3.92
C ILE A 444 -4.58 -23.55 -3.74
N PHE A 445 -4.23 -22.36 -4.20
CA PHE A 445 -5.03 -21.16 -3.90
C PHE A 445 -6.09 -20.95 -4.97
N MET A 446 -7.27 -20.48 -4.56
CA MET A 446 -8.34 -20.05 -5.45
C MET A 446 -8.30 -18.51 -5.54
N TYR A 447 -8.09 -17.99 -6.75
CA TYR A 447 -8.11 -16.55 -6.98
C TYR A 447 -9.42 -16.15 -7.68
N MET A 448 -10.21 -15.35 -7.01
CA MET A 448 -11.29 -14.61 -7.65
C MET A 448 -10.67 -13.46 -8.42
N ILE A 449 -11.25 -13.16 -9.61
CA ILE A 449 -10.83 -11.99 -10.39
C ILE A 449 -12.04 -11.10 -10.70
N ASN A 450 -11.92 -9.80 -10.47
CA ASN A 450 -13.03 -8.86 -10.68
C ASN A 450 -12.60 -7.66 -11.53
N ASN A 451 -11.81 -7.91 -12.57
CA ASN A 451 -11.22 -6.83 -13.40
C ASN A 451 -12.21 -6.20 -14.35
N ASN A 452 -13.24 -6.96 -14.76
CA ASN A 452 -14.19 -6.55 -15.76
C ASN A 452 -15.59 -7.13 -15.49
N ASN A 453 -16.58 -6.73 -16.30
CA ASN A 453 -17.95 -7.25 -16.22
C ASN A 453 -18.04 -8.55 -17.01
N TYR A 454 -18.17 -9.70 -16.34
CA TYR A 454 -18.03 -11.00 -16.98
C TYR A 454 -19.36 -11.70 -17.31
N GLY A 455 -20.39 -11.43 -16.53
CA GLY A 455 -21.64 -12.21 -16.65
C GLY A 455 -22.45 -12.13 -15.37
N TYR A 456 -23.31 -13.12 -15.15
CA TYR A 456 -24.22 -13.13 -14.02
C TYR A 456 -24.71 -14.56 -13.79
N MET A 457 -25.21 -14.82 -12.59
CA MET A 457 -25.84 -16.10 -12.23
C MET A 457 -27.37 -15.94 -12.29
N VAL A 458 -28.03 -17.05 -12.61
CA VAL A 458 -29.50 -17.11 -12.58
C VAL A 458 -30.01 -18.12 -11.55
N ASN B 12 11.77 11.64 -24.90
CA ASN B 12 10.47 10.94 -25.11
C ASN B 12 9.36 11.54 -24.22
N LEU B 13 9.65 12.23 -23.09
CA LEU B 13 8.62 12.97 -22.33
C LEU B 13 9.25 14.05 -21.45
N LEU B 14 8.67 15.28 -21.46
CA LEU B 14 9.04 16.37 -20.57
C LEU B 14 7.81 16.92 -19.84
N VAL B 15 7.89 17.03 -18.51
CA VAL B 15 6.81 17.61 -17.71
C VAL B 15 7.14 19.05 -17.36
N LEU B 16 6.25 19.97 -17.77
CA LEU B 16 6.28 21.37 -17.44
C LEU B 16 5.31 21.63 -16.29
N GLY B 17 5.88 21.76 -15.09
CA GLY B 17 5.10 22.07 -13.91
C GLY B 17 5.10 23.56 -13.65
N ILE B 18 3.92 24.16 -13.55
CA ILE B 18 3.80 25.59 -13.30
C ILE B 18 4.06 25.92 -11.83
N GLY B 19 5.11 26.71 -11.57
CA GLY B 19 5.52 26.98 -10.19
C GLY B 19 6.14 28.37 -10.07
N ILE B 20 5.27 29.34 -10.25
CA ILE B 20 5.65 30.75 -10.32
C ILE B 20 5.72 31.32 -8.90
N SER B 21 6.97 31.54 -8.44
N SER B 21 6.94 31.54 -8.41
CA SER B 21 7.22 32.08 -7.11
CA SER B 21 7.17 32.19 -7.13
C SER B 21 8.69 32.47 -6.99
C SER B 21 8.66 32.50 -6.99
N VAL B 22 9.00 33.50 -6.16
CA VAL B 22 10.39 33.83 -5.87
C VAL B 22 11.07 32.70 -5.07
N HIS B 23 10.34 32.20 -4.04
CA HIS B 23 10.81 31.09 -3.22
C HIS B 23 9.89 29.86 -3.39
N LYS B 24 10.48 28.67 -3.32
CA LYS B 24 9.72 27.42 -3.54
C LYS B 24 8.81 27.12 -2.35
N THR B 25 7.57 26.78 -2.69
CA THR B 25 6.60 26.25 -1.71
C THR B 25 6.92 24.77 -1.46
N ASP B 26 6.33 24.20 -0.38
CA ASP B 26 6.34 22.76 -0.20
C ASP B 26 5.52 22.00 -1.24
N GLY B 27 4.50 22.65 -1.78
CA GLY B 27 3.78 22.03 -2.87
C GLY B 27 4.69 21.73 -4.06
N VAL B 28 5.50 22.73 -4.50
CA VAL B 28 6.39 22.46 -5.61
C VAL B 28 7.50 21.47 -5.22
N LEU B 29 8.01 21.57 -3.97
CA LEU B 29 9.04 20.62 -3.56
C LEU B 29 8.54 19.17 -3.60
N ARG B 30 7.27 18.96 -3.15
CA ARG B 30 6.64 17.65 -3.17
C ARG B 30 6.49 17.13 -4.60
N PHE B 31 5.96 18.01 -5.47
CA PHE B 31 5.90 17.71 -6.90
C PHE B 31 7.23 17.24 -7.45
N GLU B 32 8.30 17.98 -7.15
CA GLU B 32 9.62 17.63 -7.67
C GLU B 32 10.12 16.29 -7.15
N LYS B 33 9.87 16.00 -5.87
CA LYS B 33 10.27 14.73 -5.27
C LYS B 33 9.56 13.56 -5.96
N TYR B 34 8.25 13.70 -6.17
CA TYR B 34 7.50 12.62 -6.82
C TYR B 34 7.95 12.49 -8.29
N CYS B 35 8.22 13.60 -9.01
CA CYS B 35 8.74 13.45 -10.37
C CYS B 35 10.05 12.65 -10.35
N GLN B 36 10.95 13.04 -9.46
CA GLN B 36 12.23 12.34 -9.34
C GLN B 36 12.07 10.85 -9.05
N ALA B 37 11.14 10.52 -8.13
CA ALA B 37 10.87 9.13 -7.74
C ALA B 37 10.37 8.29 -8.91
N HIS B 38 9.64 8.91 -9.86
CA HIS B 38 9.06 8.23 -10.98
C HIS B 38 9.85 8.41 -12.29
N ASN B 39 11.09 8.92 -12.20
CA ASN B 39 11.95 9.08 -13.37
C ASN B 39 11.32 9.97 -14.43
N LEU B 40 10.61 11.00 -14.02
CA LEU B 40 10.02 11.94 -14.95
C LEU B 40 10.93 13.14 -15.10
N GLN B 41 11.34 13.42 -16.36
CA GLN B 41 12.09 14.64 -16.63
C GLN B 41 11.15 15.83 -16.57
N TYR B 42 11.56 16.89 -15.90
CA TYR B 42 10.70 18.03 -15.66
C TYR B 42 11.48 19.34 -15.69
N MET B 43 10.70 20.41 -15.85
CA MET B 43 11.14 21.77 -15.60
C MET B 43 10.04 22.51 -14.85
N ILE B 44 10.42 23.40 -13.96
CA ILE B 44 9.48 24.23 -13.23
C ILE B 44 9.35 25.57 -13.94
N VAL B 45 8.20 25.78 -14.55
CA VAL B 45 7.92 26.98 -15.31
C VAL B 45 7.66 28.14 -14.35
N GLY B 46 8.46 29.21 -14.45
CA GLY B 46 8.25 30.40 -13.64
C GLY B 46 9.04 30.44 -12.34
N GLU B 47 9.88 29.42 -12.11
CA GLU B 47 10.65 29.30 -10.90
C GLU B 47 11.48 30.58 -10.69
N GLY B 48 11.36 31.22 -9.52
CA GLY B 48 12.17 32.39 -9.23
C GLY B 48 11.50 33.72 -9.58
N LYS B 49 10.32 33.70 -10.22
CA LYS B 49 9.60 34.90 -10.62
C LYS B 49 8.40 35.15 -9.71
N LYS B 50 7.99 36.40 -9.61
CA LYS B 50 6.89 36.83 -8.78
C LYS B 50 5.54 36.47 -9.39
N TRP B 51 4.62 35.93 -8.57
CA TRP B 51 3.27 35.64 -9.05
C TRP B 51 2.46 36.93 -9.09
N ASN B 52 1.65 37.16 -10.15
CA ASN B 52 0.73 38.28 -10.20
C ASN B 52 -0.71 37.81 -10.00
N GLY B 61 -8.88 33.47 -12.61
CA GLY B 61 -7.51 33.96 -12.87
C GLY B 61 -6.65 32.87 -13.49
N GLY B 62 -5.32 33.07 -13.39
CA GLY B 62 -4.36 32.07 -13.83
C GLY B 62 -3.80 32.32 -15.23
N GLY B 63 -4.12 33.44 -15.87
CA GLY B 63 -3.58 33.67 -17.22
C GLY B 63 -2.06 33.78 -17.25
N GLN B 64 -1.44 34.22 -16.12
CA GLN B 64 0.01 34.24 -16.03
C GLN B 64 0.62 32.86 -16.27
N LYS B 65 -0.11 31.81 -15.93
CA LYS B 65 0.35 30.47 -16.23
C LYS B 65 0.61 30.31 -17.73
N ILE B 66 -0.35 30.78 -18.57
CA ILE B 66 -0.25 30.69 -20.04
C ILE B 66 0.90 31.55 -20.57
N ASN B 67 1.08 32.73 -19.98
CA ASN B 67 2.13 33.63 -20.43
C ASN B 67 3.51 33.08 -20.09
N GLU B 68 3.71 32.48 -18.89
CA GLU B 68 5.01 31.91 -18.57
C GLU B 68 5.22 30.61 -19.34
N LEU B 69 4.13 29.84 -19.57
CA LEU B 69 4.22 28.65 -20.37
C LEU B 69 4.78 29.02 -21.77
N LEU B 70 4.23 30.09 -22.36
CA LEU B 70 4.63 30.51 -23.71
C LEU B 70 6.13 30.80 -23.73
N ILE B 71 6.63 31.49 -22.70
CA ILE B 71 8.08 31.71 -22.61
C ILE B 71 8.83 30.39 -22.59
N ALA B 72 8.41 29.45 -21.74
CA ALA B 72 9.05 28.15 -21.67
C ALA B 72 9.01 27.42 -23.01
N LEU B 73 7.89 27.48 -23.71
CA LEU B 73 7.75 26.74 -24.95
C LEU B 73 8.66 27.34 -26.04
N GLU B 74 8.84 28.66 -25.97
N GLU B 74 8.77 28.67 -26.07
CA GLU B 74 9.65 29.40 -26.94
CA GLU B 74 9.66 29.34 -27.02
C GLU B 74 11.08 28.88 -26.91
C GLU B 74 11.06 28.72 -26.94
N SER B 75 11.52 28.45 -25.73
CA SER B 75 12.88 27.97 -25.54
C SER B 75 13.00 26.45 -25.76
N ILE B 76 11.90 25.75 -26.00
CA ILE B 76 11.96 24.35 -26.41
C ILE B 76 11.86 24.33 -27.94
N LYS B 77 12.97 24.02 -28.62
CA LYS B 77 13.02 24.24 -30.06
C LYS B 77 12.18 23.18 -30.76
N ASP B 78 12.45 21.92 -30.41
CA ASP B 78 11.92 20.76 -31.12
C ASP B 78 10.53 20.36 -30.59
N ASN B 79 9.86 19.48 -31.34
CA ASN B 79 8.45 19.22 -31.12
C ASN B 79 8.28 18.06 -30.13
N LYS B 80 8.64 18.31 -28.87
CA LYS B 80 8.61 17.33 -27.80
C LYS B 80 7.17 17.08 -27.33
N LEU B 81 6.88 15.84 -26.92
CA LEU B 81 5.66 15.54 -26.18
C LEU B 81 5.82 15.98 -24.72
N ILE B 82 4.85 16.78 -24.25
CA ILE B 82 4.94 17.44 -22.95
C ILE B 82 3.64 17.23 -22.17
N VAL B 83 3.78 17.16 -20.84
CA VAL B 83 2.69 17.36 -19.90
C VAL B 83 2.84 18.77 -19.36
N VAL B 84 1.72 19.50 -19.25
CA VAL B 84 1.67 20.77 -18.58
C VAL B 84 0.73 20.63 -17.37
N CYS B 85 1.17 21.03 -16.17
CA CYS B 85 0.35 20.78 -14.99
C CYS B 85 0.64 21.75 -13.85
N ASP B 86 -0.36 21.89 -12.97
CA ASP B 86 -0.23 22.51 -11.66
C ASP B 86 0.80 21.70 -10.83
N THR B 87 1.41 22.40 -9.82
CA THR B 87 2.41 21.78 -8.97
C THR B 87 2.05 21.89 -7.48
N TYR B 88 1.29 22.89 -7.08
CA TYR B 88 1.17 23.19 -5.65
C TYR B 88 0.31 22.13 -4.98
N ASP B 89 -0.59 21.52 -5.77
CA ASP B 89 -1.67 20.65 -5.29
C ASP B 89 -1.75 19.40 -6.18
N LEU B 90 -0.60 18.89 -6.66
CA LEU B 90 -0.62 17.82 -7.68
C LEU B 90 0.68 17.01 -7.56
N ILE B 91 0.59 15.69 -7.68
CA ILE B 91 1.72 14.80 -7.74
C ILE B 91 1.53 13.75 -8.82
N PRO B 92 2.61 13.31 -9.51
CA PRO B 92 2.56 12.07 -10.32
C PRO B 92 2.75 10.80 -9.49
N LEU B 93 2.04 9.72 -9.89
CA LEU B 93 2.08 8.44 -9.20
C LEU B 93 2.63 7.34 -10.09
N SER B 94 3.04 7.68 -11.31
N SER B 94 2.94 7.68 -11.36
CA SER B 94 3.68 6.71 -12.18
CA SER B 94 3.51 6.73 -12.31
C SER B 94 4.67 7.45 -13.09
C SER B 94 4.57 7.44 -13.15
N GLY B 95 5.30 6.66 -13.96
CA GLY B 95 6.40 7.16 -14.75
C GLY B 95 6.03 7.25 -16.23
N PRO B 96 7.04 7.58 -17.06
CA PRO B 96 6.82 7.86 -18.46
C PRO B 96 6.24 6.72 -19.29
N GLU B 97 6.63 5.48 -19.01
N GLU B 97 6.63 5.47 -19.04
CA GLU B 97 6.15 4.35 -19.80
CA GLU B 97 6.13 4.41 -19.89
C GLU B 97 4.62 4.25 -19.76
C GLU B 97 4.60 4.28 -19.78
N GLU B 98 4.04 4.36 -18.56
CA GLU B 98 2.58 4.26 -18.43
C GLU B 98 1.90 5.47 -19.10
N ILE B 99 2.45 6.65 -18.86
CA ILE B 99 1.91 7.89 -19.42
C ILE B 99 1.81 7.79 -20.95
N LEU B 100 2.91 7.34 -21.60
CA LEU B 100 2.92 7.28 -23.06
C LEU B 100 1.98 6.20 -23.59
N ARG B 101 1.89 5.03 -22.94
CA ARG B 101 0.90 4.04 -23.33
C ARG B 101 -0.51 4.65 -23.33
N LYS B 102 -0.83 5.35 -22.24
CA LYS B 102 -2.18 5.90 -22.12
C LYS B 102 -2.45 7.00 -23.15
N TYR B 103 -1.50 7.93 -23.35
CA TYR B 103 -1.65 9.00 -24.33
C TYR B 103 -1.96 8.40 -25.71
N ARG B 104 -1.18 7.41 -26.13
N ARG B 104 -1.18 7.42 -26.14
CA ARG B 104 -1.35 6.78 -27.45
CA ARG B 104 -1.35 6.86 -27.48
C ARG B 104 -2.73 6.15 -27.60
C ARG B 104 -2.73 6.18 -27.59
N PHE B 105 -3.25 5.53 -26.54
CA PHE B 105 -4.57 4.93 -26.57
C PHE B 105 -5.65 6.02 -26.67
N LEU B 106 -5.50 7.07 -25.85
CA LEU B 106 -6.53 8.12 -25.76
C LEU B 106 -6.65 8.92 -27.06
N THR B 107 -5.54 9.13 -27.75
CA THR B 107 -5.55 9.96 -28.98
C THR B 107 -4.57 9.39 -30.01
N PRO B 108 -5.05 8.43 -30.84
CA PRO B 108 -4.19 7.88 -31.91
C PRO B 108 -3.71 8.94 -32.89
N ASP B 109 -4.44 10.06 -33.02
CA ASP B 109 -4.03 11.12 -33.93
C ASP B 109 -3.35 12.31 -33.25
N ASN B 110 -2.87 12.12 -32.01
CA ASN B 110 -1.94 13.05 -31.38
C ASN B 110 -2.51 14.45 -31.07
N LYS B 111 -3.76 14.50 -30.59
N LYS B 111 -3.76 14.50 -30.58
CA LYS B 111 -4.36 15.74 -30.13
CA LYS B 111 -4.38 15.74 -30.12
C LYS B 111 -3.94 16.02 -28.69
C LYS B 111 -3.77 16.13 -28.75
N VAL B 112 -4.31 17.20 -28.19
CA VAL B 112 -4.00 17.60 -26.82
C VAL B 112 -5.10 17.06 -25.90
N VAL B 113 -4.67 16.26 -24.90
CA VAL B 113 -5.55 15.65 -23.92
C VAL B 113 -5.61 16.48 -22.65
N PHE B 114 -6.83 16.91 -22.27
CA PHE B 114 -7.07 17.66 -21.05
C PHE B 114 -7.74 16.79 -20.00
N SER B 115 -7.48 17.13 -18.73
N SER B 115 -7.44 17.04 -18.72
CA SER B 115 -8.21 16.59 -17.60
CA SER B 115 -8.20 16.52 -17.61
C SER B 115 -9.69 16.89 -17.75
C SER B 115 -9.68 16.86 -17.77
N SER B 116 -10.52 15.96 -17.25
CA SER B 116 -11.92 16.17 -17.04
C SER B 116 -12.16 16.54 -15.58
N GLU B 117 -13.36 17.03 -15.27
CA GLU B 117 -13.81 17.29 -13.90
C GLU B 117 -15.35 17.35 -13.86
N LEU B 118 -15.91 17.43 -12.63
CA LEU B 118 -17.34 17.40 -12.40
C LEU B 118 -18.07 18.70 -12.77
N TYR B 119 -17.40 19.84 -12.71
CA TYR B 119 -18.11 21.14 -12.79
C TYR B 119 -17.67 21.97 -13.97
N CYS B 120 -18.63 22.78 -14.46
CA CYS B 120 -18.43 23.65 -15.60
C CYS B 120 -18.16 25.07 -15.12
N TRP B 121 -16.87 25.45 -15.20
CA TRP B 121 -16.54 26.77 -14.69
C TRP B 121 -15.35 27.33 -15.45
N PRO B 122 -15.18 28.67 -15.50
CA PRO B 122 -16.02 29.64 -14.76
C PRO B 122 -17.32 30.14 -15.38
N ASP B 123 -17.63 29.66 -16.58
CA ASP B 123 -18.78 30.13 -17.34
C ASP B 123 -19.80 28.99 -17.44
N ALA B 124 -20.77 29.01 -16.53
CA ALA B 124 -21.80 27.98 -16.40
C ALA B 124 -22.71 27.92 -17.62
N SER B 125 -22.67 28.92 -18.50
CA SER B 125 -23.45 28.89 -19.72
C SER B 125 -22.82 28.02 -20.80
N LEU B 126 -21.59 27.51 -20.61
CA LEU B 126 -21.02 26.60 -21.59
C LEU B 126 -21.63 25.21 -21.46
N VAL B 127 -22.40 24.96 -20.40
CA VAL B 127 -22.99 23.64 -20.16
C VAL B 127 -23.66 23.11 -21.43
N GLU B 128 -24.48 23.98 -22.11
CA GLU B 128 -25.24 23.49 -23.25
C GLU B 128 -24.39 23.39 -24.53
N ARG B 129 -23.13 23.86 -24.48
CA ARG B 129 -22.27 23.76 -25.65
C ARG B 129 -21.28 22.61 -25.57
N TYR B 130 -21.18 21.96 -24.40
CA TYR B 130 -20.29 20.80 -24.30
C TYR B 130 -20.91 19.57 -24.97
N PRO B 131 -20.09 18.62 -25.47
CA PRO B 131 -20.60 17.34 -25.94
C PRO B 131 -21.34 16.61 -24.85
N LYS B 132 -22.47 15.97 -25.19
CA LYS B 132 -23.25 15.20 -24.24
C LYS B 132 -22.59 13.84 -24.06
N VAL B 133 -22.42 13.43 -22.79
CA VAL B 133 -21.77 12.17 -22.47
C VAL B 133 -22.52 11.53 -21.31
N ASP B 134 -22.36 10.20 -21.17
CA ASP B 134 -23.05 9.49 -20.08
C ASP B 134 -22.43 9.76 -18.69
N THR B 135 -21.14 10.02 -18.67
CA THR B 135 -20.38 10.15 -17.42
C THR B 135 -20.67 11.46 -16.72
N LYS B 136 -20.44 11.47 -15.40
CA LYS B 136 -20.42 12.69 -14.59
C LYS B 136 -19.19 13.54 -14.86
N TYR B 137 -18.11 12.96 -15.40
CA TYR B 137 -16.87 13.71 -15.68
C TYR B 137 -16.94 14.49 -16.98
N LYS B 138 -17.79 15.52 -17.02
CA LYS B 138 -18.25 16.07 -18.31
C LYS B 138 -17.39 17.20 -18.84
N TYR B 139 -16.67 17.92 -17.96
CA TYR B 139 -16.13 19.24 -18.30
C TYR B 139 -14.61 19.31 -18.22
N LEU B 140 -14.02 20.32 -18.82
CA LEU B 140 -12.58 20.45 -18.89
C LEU B 140 -12.02 21.08 -17.60
N ASN B 141 -10.85 20.54 -17.16
CA ASN B 141 -10.04 21.18 -16.11
C ASN B 141 -8.64 21.46 -16.68
N SER B 142 -8.18 22.72 -16.54
CA SER B 142 -6.95 23.17 -17.18
C SER B 142 -5.69 22.92 -16.34
N GLY B 143 -5.83 22.26 -15.18
CA GLY B 143 -4.73 22.01 -14.28
C GLY B 143 -3.81 20.87 -14.65
N ALA B 144 -4.17 20.12 -15.72
CA ALA B 144 -3.29 19.10 -16.26
C ALA B 144 -3.71 18.78 -17.70
N PHE B 145 -2.74 18.76 -18.61
CA PHE B 145 -2.97 18.40 -19.99
C PHE B 145 -1.68 17.87 -20.61
N MET B 146 -1.78 17.25 -21.79
CA MET B 146 -0.65 16.59 -22.43
C MET B 146 -0.79 16.67 -23.96
N GLY B 147 0.30 17.00 -24.65
CA GLY B 147 0.31 16.92 -26.12
C GLY B 147 1.63 17.44 -26.65
N TYR B 148 1.74 17.57 -27.98
CA TYR B 148 2.99 18.03 -28.58
C TYR B 148 3.16 19.55 -28.42
N ARG B 149 4.41 19.93 -28.21
CA ARG B 149 4.84 21.31 -28.02
C ARG B 149 4.30 22.26 -29.09
N ASP B 150 4.44 21.86 -30.36
CA ASP B 150 3.98 22.73 -31.43
C ASP B 150 2.47 22.97 -31.37
N ASP B 151 1.69 21.94 -31.05
CA ASP B 151 0.23 22.07 -30.96
C ASP B 151 -0.17 22.98 -29.80
N ILE B 152 0.50 22.82 -28.64
CA ILE B 152 0.17 23.68 -27.52
C ILE B 152 0.57 25.12 -27.81
N TYR B 153 1.78 25.28 -28.39
CA TYR B 153 2.29 26.61 -28.73
C TYR B 153 1.32 27.32 -29.67
N GLU B 154 0.81 26.61 -30.68
CA GLU B 154 -0.11 27.20 -31.63
C GLU B 154 -1.36 27.75 -30.93
N MET B 155 -1.89 27.05 -29.94
CA MET B 155 -3.09 27.53 -29.25
C MET B 155 -2.82 28.79 -28.43
N ILE B 156 -1.63 28.95 -27.82
CA ILE B 156 -1.38 30.02 -26.85
C ILE B 156 -0.50 31.16 -27.40
N LYS B 157 -0.08 31.10 -28.68
CA LYS B 157 1.03 31.91 -29.16
C LYS B 157 0.75 33.42 -29.11
N ASN B 158 -0.52 33.83 -29.04
CA ASN B 158 -0.83 35.26 -28.96
C ASN B 158 -0.77 35.80 -27.53
N GLY B 159 -0.59 34.93 -26.53
CA GLY B 159 -0.61 35.38 -25.14
C GLY B 159 -2.03 35.69 -24.66
N VAL B 160 -2.15 35.98 -23.35
CA VAL B 160 -3.39 36.39 -22.70
C VAL B 160 -3.02 37.47 -21.66
N LYS B 161 -4.03 37.99 -20.96
CA LYS B 161 -3.81 38.87 -19.82
C LYS B 161 -3.46 38.00 -18.61
N ASP B 162 -2.55 38.49 -17.76
CA ASP B 162 -2.17 37.77 -16.56
C ASP B 162 -3.39 37.40 -15.71
N ARG B 163 -4.41 38.28 -15.65
CA ARG B 163 -5.57 38.08 -14.79
C ARG B 163 -6.72 37.41 -15.54
N ASP B 164 -6.54 37.09 -16.83
CA ASP B 164 -7.48 36.25 -17.57
C ASP B 164 -7.51 34.86 -16.93
N ASP B 165 -8.60 34.11 -17.19
CA ASP B 165 -8.76 32.77 -16.65
C ASP B 165 -8.24 31.74 -17.66
N ASP B 166 -7.29 30.89 -17.22
CA ASP B 166 -6.72 29.89 -18.13
C ASP B 166 -7.72 28.77 -18.42
N GLN B 167 -8.54 28.45 -17.45
CA GLN B 167 -9.56 27.43 -17.58
C GLN B 167 -10.60 27.82 -18.62
N LEU B 168 -11.05 29.10 -18.61
CA LEU B 168 -12.01 29.54 -19.61
C LEU B 168 -11.38 29.46 -21.00
N PHE B 169 -10.13 29.90 -21.11
CA PHE B 169 -9.39 29.92 -22.36
C PHE B 169 -9.44 28.53 -23.02
N PHE B 170 -9.04 27.49 -22.27
CA PHE B 170 -8.98 26.15 -22.87
C PHE B 170 -10.37 25.52 -23.04
N SER B 171 -11.33 25.85 -22.16
CA SER B 171 -12.68 25.33 -22.31
C SER B 171 -13.27 25.78 -23.66
N ILE B 172 -13.06 27.06 -24.00
CA ILE B 172 -13.55 27.61 -25.26
C ILE B 172 -12.87 26.90 -26.43
N LYS B 173 -11.55 26.68 -26.37
CA LYS B 173 -10.87 25.94 -27.42
C LYS B 173 -11.46 24.54 -27.60
N PHE B 174 -11.73 23.82 -26.50
CA PHE B 174 -12.32 22.50 -26.59
C PHE B 174 -13.65 22.48 -27.33
N ILE B 175 -14.49 23.48 -27.01
CA ILE B 175 -15.86 23.59 -27.53
C ILE B 175 -15.85 24.05 -28.99
N GLU B 176 -14.87 24.88 -29.38
CA GLU B 176 -14.97 25.63 -30.64
C GLU B 176 -14.03 25.07 -31.72
N THR B 177 -13.14 24.11 -31.37
CA THR B 177 -12.17 23.53 -32.28
C THR B 177 -12.24 22.00 -32.14
N ASP B 178 -11.42 21.29 -32.92
CA ASP B 178 -11.23 19.85 -32.77
C ASP B 178 -9.84 19.55 -32.23
N LYS B 179 -9.19 20.49 -31.50
CA LYS B 179 -7.80 20.28 -31.13
C LYS B 179 -7.61 19.49 -29.82
N ILE B 180 -8.67 19.39 -28.99
CA ILE B 180 -8.57 18.83 -27.64
C ILE B 180 -9.49 17.62 -27.50
N VAL B 181 -8.99 16.60 -26.78
CA VAL B 181 -9.75 15.45 -26.30
C VAL B 181 -9.80 15.49 -24.77
N LEU B 182 -10.93 15.12 -24.17
CA LEU B 182 -11.03 15.06 -22.71
C LEU B 182 -10.72 13.63 -22.23
N ASP B 183 -10.03 13.56 -21.09
CA ASP B 183 -9.75 12.28 -20.41
C ASP B 183 -10.94 11.88 -19.52
N TYR B 184 -12.05 11.47 -20.14
CA TYR B 184 -13.29 11.19 -19.42
C TYR B 184 -13.13 10.07 -18.39
N LYS B 185 -12.26 9.09 -18.65
CA LYS B 185 -12.13 7.93 -17.80
C LYS B 185 -11.00 8.07 -16.76
N CYS B 186 -10.39 9.27 -16.63
CA CYS B 186 -9.44 9.52 -15.54
C CYS B 186 -8.27 8.50 -15.67
N GLU B 187 -7.75 8.34 -16.91
CA GLU B 187 -6.61 7.46 -17.14
C GLU B 187 -5.30 8.23 -16.85
N LEU B 188 -5.15 9.42 -17.41
CA LEU B 188 -3.97 10.24 -17.18
C LEU B 188 -4.14 11.10 -15.92
N PHE B 189 -5.30 11.74 -15.78
CA PHE B 189 -5.48 12.84 -14.84
C PHE B 189 -6.69 12.60 -13.95
N GLN B 190 -6.56 12.95 -12.68
CA GLN B 190 -7.69 12.99 -11.75
C GLN B 190 -7.85 14.34 -11.06
N ALA B 191 -8.95 15.04 -11.39
CA ALA B 191 -9.40 16.18 -10.57
C ALA B 191 -10.16 15.61 -9.40
N MET B 192 -9.59 15.69 -8.20
CA MET B 192 -10.11 14.98 -7.03
C MET B 192 -11.29 15.63 -6.34
N TYR B 193 -11.59 16.90 -6.63
CA TYR B 193 -12.61 17.60 -5.83
C TYR B 193 -14.01 16.99 -6.02
N ARG B 194 -14.65 16.69 -4.87
CA ARG B 194 -16.00 16.12 -4.82
CA ARG B 194 -15.97 16.08 -4.74
C ARG B 194 -16.05 14.71 -5.41
N CYS B 195 -14.89 14.04 -5.49
CA CYS B 195 -14.81 12.67 -6.00
C CYS B 195 -14.36 11.69 -4.92
N ASN B 196 -14.43 12.09 -3.65
CA ASN B 196 -14.02 11.25 -2.53
C ASN B 196 -14.55 9.81 -2.65
N SER B 197 -15.83 9.64 -2.96
CA SER B 197 -16.40 8.30 -2.91
C SER B 197 -15.89 7.42 -4.06
N ASP B 198 -15.31 8.03 -5.10
CA ASP B 198 -14.82 7.25 -6.24
C ASP B 198 -13.41 6.69 -5.94
N LEU B 199 -12.66 7.29 -5.02
CA LEU B 199 -11.22 7.10 -4.92
C LEU B 199 -10.80 6.31 -3.70
N VAL B 200 -9.82 5.44 -3.88
CA VAL B 200 -9.22 4.72 -2.76
CA VAL B 200 -9.24 4.62 -2.82
C VAL B 200 -7.73 4.57 -3.03
N VAL B 201 -6.95 4.58 -1.94
CA VAL B 201 -5.54 4.22 -1.95
C VAL B 201 -5.39 2.70 -1.97
N HIS B 202 -4.67 2.20 -2.97
CA HIS B 202 -4.47 0.76 -3.18
C HIS B 202 -3.14 0.57 -3.90
N LYS B 203 -2.27 -0.28 -3.32
CA LYS B 203 -1.00 -0.64 -3.98
C LYS B 203 -0.20 0.61 -4.42
N ASN B 204 -0.10 1.60 -3.53
CA ASN B 204 0.70 2.80 -3.76
C ASN B 204 0.17 3.68 -4.88
N ARG B 205 -1.11 3.55 -5.16
CA ARG B 205 -1.80 4.31 -6.21
C ARG B 205 -3.17 4.80 -5.76
N ILE B 206 -3.73 5.76 -6.49
CA ILE B 206 -5.17 6.01 -6.40
C ILE B 206 -5.87 5.13 -7.43
N PHE B 207 -6.90 4.41 -6.99
CA PHE B 207 -7.84 3.68 -7.85
C PHE B 207 -9.19 4.43 -7.85
N ASN B 208 -9.67 4.70 -9.05
CA ASN B 208 -10.97 5.31 -9.28
C ASN B 208 -11.94 4.19 -9.68
N GLY B 209 -12.80 3.82 -8.75
CA GLY B 209 -13.76 2.74 -9.00
C GLY B 209 -14.91 3.12 -9.90
N TYR B 210 -15.19 4.40 -10.04
CA TYR B 210 -16.22 4.81 -10.99
C TYR B 210 -15.78 4.61 -12.43
N THR B 211 -14.52 4.98 -12.74
CA THR B 211 -14.00 4.85 -14.09
C THR B 211 -13.28 3.52 -14.33
N ASN B 212 -12.93 2.78 -13.25
CA ASN B 212 -12.05 1.60 -13.35
C ASN B 212 -10.71 2.00 -13.96
N SER B 213 -9.98 2.89 -13.26
CA SER B 213 -8.69 3.40 -13.70
C SER B 213 -7.78 3.69 -12.50
N TYR B 214 -6.49 3.78 -12.79
CA TYR B 214 -5.45 4.23 -11.87
C TYR B 214 -4.84 5.50 -12.45
N PRO B 215 -5.43 6.69 -12.14
CA PRO B 215 -4.96 7.93 -12.76
C PRO B 215 -3.49 8.20 -12.45
N VAL B 216 -2.70 8.68 -13.42
CA VAL B 216 -1.30 8.96 -13.16
C VAL B 216 -1.11 10.21 -12.28
N PHE B 217 -1.76 11.34 -12.66
CA PHE B 217 -1.57 12.61 -11.96
C PHE B 217 -2.73 12.84 -11.02
N ALA B 218 -2.41 12.94 -9.70
CA ALA B 218 -3.39 13.16 -8.67
C ALA B 218 -3.45 14.65 -8.38
N HIS B 219 -4.57 15.30 -8.75
CA HIS B 219 -4.75 16.73 -8.62
C HIS B 219 -5.78 17.04 -7.53
N GLY B 220 -5.30 17.57 -6.40
CA GLY B 220 -6.15 18.00 -5.32
C GLY B 220 -6.67 19.42 -5.60
N ASN B 221 -7.49 19.54 -6.65
CA ASN B 221 -7.93 20.84 -7.13
C ASN B 221 -8.86 21.52 -6.14
N GLY B 222 -8.75 22.85 -6.03
CA GLY B 222 -9.61 23.61 -5.14
C GLY B 222 -9.46 23.10 -3.70
N PRO B 223 -10.56 22.93 -2.94
CA PRO B 223 -10.50 22.42 -1.58
C PRO B 223 -9.93 21.00 -1.46
N ALA B 224 -9.88 20.27 -2.57
CA ALA B 224 -9.37 18.88 -2.52
C ALA B 224 -7.88 18.80 -2.19
N LYS B 225 -7.17 19.92 -2.02
CA LYS B 225 -5.85 19.89 -1.43
C LYS B 225 -5.90 19.14 -0.08
N LYS B 226 -7.00 19.22 0.64
CA LYS B 226 -7.05 18.51 1.92
C LYS B 226 -7.07 17.00 1.74
N LEU B 227 -7.74 16.49 0.67
CA LEU B 227 -7.78 15.05 0.41
C LEU B 227 -6.42 14.56 -0.08
N LEU B 228 -5.76 15.29 -1.01
CA LEU B 228 -4.43 14.87 -1.42
C LEU B 228 -3.42 14.87 -0.27
N ASN B 229 -3.45 15.91 0.58
CA ASN B 229 -2.54 15.99 1.72
C ASN B 229 -2.81 14.85 2.71
N HIS B 230 -4.09 14.46 2.83
CA HIS B 230 -4.46 13.31 3.68
C HIS B 230 -3.90 12.00 3.14
N MET B 231 -4.05 11.76 1.83
CA MET B 231 -3.54 10.59 1.18
C MET B 231 -2.01 10.53 1.14
N GLU B 232 -1.31 11.69 1.18
CA GLU B 232 0.14 11.71 1.05
C GLU B 232 0.85 10.82 2.07
N GLY B 233 0.32 10.77 3.31
CA GLY B 233 0.95 9.96 4.33
C GLY B 233 0.84 8.46 4.12
N TYR B 234 0.04 8.02 3.13
CA TYR B 234 -0.09 6.61 2.78
C TYR B 234 0.64 6.23 1.51
N PHE B 235 1.21 7.20 0.78
CA PHE B 235 2.00 6.93 -0.41
C PHE B 235 3.48 6.84 -0.04
N MET B 236 4.25 6.25 -0.93
CA MET B 236 5.70 6.23 -0.77
C MET B 236 6.39 6.55 -2.10
N THR B 237 7.56 7.20 -1.97
CA THR B 237 8.39 7.49 -3.14
C THR B 237 9.47 6.42 -3.35
N GLU B 238 9.71 5.59 -2.34
CA GLU B 238 10.65 4.48 -2.40
CA GLU B 238 10.49 4.38 -2.54
C GLU B 238 10.16 3.45 -1.38
N PRO B 239 10.54 2.16 -1.50
CA PRO B 239 10.14 1.20 -0.46
C PRO B 239 10.63 1.68 0.90
N ILE B 240 9.86 1.41 1.94
N ILE B 240 9.86 1.46 1.95
CA ILE B 240 10.27 1.85 3.26
CA ILE B 240 10.33 1.93 3.24
C ILE B 240 11.43 0.98 3.78
C ILE B 240 11.41 1.00 3.78
N ASP B 241 12.27 1.60 4.61
CA ASP B 241 13.32 0.88 5.32
C ASP B 241 12.74 0.41 6.63
N GLY B 242 12.39 -0.86 6.66
CA GLY B 242 11.68 -1.36 7.82
C GLY B 242 12.51 -1.33 9.09
N SER B 243 13.85 -1.16 9.00
CA SER B 243 14.71 -1.08 10.16
C SER B 243 14.90 0.36 10.64
N SER B 244 14.09 1.30 10.08
CA SER B 244 14.19 2.73 10.41
C SER B 244 14.22 3.00 11.90
N ASN B 245 13.37 2.33 12.70
CA ASN B 245 13.28 2.55 14.14
C ASN B 245 13.78 1.38 15.00
N THR B 246 14.45 0.39 14.37
CA THR B 246 14.94 -0.79 15.10
C THR B 246 15.88 -0.33 16.22
N ILE B 247 16.77 0.61 15.84
CA ILE B 247 17.55 1.39 16.81
C ILE B 247 16.87 2.76 16.91
N ASN B 248 16.39 3.10 18.12
CA ASN B 248 15.58 4.33 18.22
C ASN B 248 16.32 5.42 18.99
N THR B 249 17.67 5.35 18.96
CA THR B 249 18.55 6.42 19.41
C THR B 249 19.15 7.05 18.15
N PHE B 250 19.36 8.37 18.20
CA PHE B 250 19.79 9.15 17.05
C PHE B 250 20.87 10.13 17.47
N LYS B 251 21.87 10.29 16.60
CA LYS B 251 22.96 11.21 16.83
C LYS B 251 23.51 11.68 15.50
N LEU B 252 23.40 12.99 15.19
CA LEU B 252 23.91 13.54 13.94
C LEU B 252 25.44 13.46 13.87
N ASP B 253 25.99 13.27 12.66
CA ASP B 253 27.43 13.38 12.46
C ASP B 253 27.92 14.82 12.58
N ASN B 254 27.10 15.78 12.13
CA ASN B 254 27.42 17.18 12.14
C ASN B 254 26.15 17.94 12.54
N GLU B 255 26.25 18.76 13.58
CA GLU B 255 25.06 19.40 14.16
C GLU B 255 24.87 20.80 13.58
N PRO B 256 23.78 21.06 12.80
CA PRO B 256 23.44 22.43 12.43
C PRO B 256 23.04 23.25 13.66
N LYS B 257 23.16 24.56 13.56
CA LYS B 257 22.85 25.43 14.70
C LYS B 257 21.33 25.54 14.82
N VAL B 258 20.81 25.28 16.04
CA VAL B 258 19.39 25.35 16.34
C VAL B 258 19.12 26.47 17.35
N PHE B 259 18.17 27.34 16.97
CA PHE B 259 17.66 28.42 17.79
C PHE B 259 16.44 27.93 18.57
N PHE B 260 16.57 27.80 19.90
CA PHE B 260 15.46 27.40 20.74
C PHE B 260 14.66 28.64 21.11
N ALA B 261 13.39 28.69 20.75
CA ALA B 261 12.49 29.78 21.05
C ALA B 261 11.47 29.24 22.06
N LEU B 262 11.62 29.60 23.34
CA LEU B 262 10.83 29.08 24.42
C LEU B 262 9.76 30.10 24.79
N TYR B 263 8.50 29.69 24.77
CA TYR B 263 7.36 30.57 25.06
C TYR B 263 6.90 30.16 26.47
N VAL B 264 7.19 31.05 27.45
CA VAL B 264 6.99 30.76 28.86
C VAL B 264 6.02 31.75 29.48
N ASP B 265 5.60 31.43 30.72
CA ASP B 265 4.70 32.29 31.49
C ASP B 265 5.08 32.18 32.96
N SER B 266 5.86 33.14 33.45
CA SER B 266 6.33 33.10 34.83
C SER B 266 5.24 33.38 35.85
N ASN B 267 4.03 33.73 35.41
CA ASN B 267 2.88 33.79 36.31
C ASN B 267 2.47 32.40 36.82
N ASP B 268 2.93 31.33 36.14
CA ASP B 268 2.72 29.97 36.60
C ASP B 268 4.09 29.38 36.90
N LEU B 269 4.67 29.76 38.04
CA LEU B 269 6.08 29.49 38.29
C LEU B 269 6.39 28.01 38.37
N SER B 270 5.44 27.19 38.89
CA SER B 270 5.67 25.77 38.99
C SER B 270 5.82 25.14 37.59
N ALA B 271 4.91 25.50 36.69
CA ALA B 271 4.98 25.03 35.31
C ALA B 271 6.27 25.49 34.62
N LEU B 272 6.66 26.75 34.83
CA LEU B 272 7.85 27.31 34.23
CA LEU B 272 7.86 27.33 34.24
C LEU B 272 9.06 26.48 34.62
N LYS B 273 9.20 26.21 35.92
CA LYS B 273 10.35 25.45 36.39
C LYS B 273 10.38 24.01 35.86
N GLN B 274 9.23 23.35 35.85
CA GLN B 274 9.16 21.97 35.35
C GLN B 274 9.64 21.94 33.88
N PHE B 275 9.09 22.88 33.13
CA PHE B 275 9.38 22.95 31.69
C PHE B 275 10.83 23.23 31.42
N LEU B 276 11.42 24.24 32.07
CA LEU B 276 12.80 24.59 31.77
C LEU B 276 13.76 23.43 32.13
N GLY B 277 13.42 22.72 33.21
CA GLY B 277 14.21 21.53 33.56
C GLY B 277 14.25 20.47 32.44
N LYS B 278 13.10 20.23 31.82
CA LYS B 278 13.00 19.27 30.75
C LYS B 278 13.72 19.78 29.50
N VAL B 279 13.57 21.06 29.17
CA VAL B 279 14.27 21.58 28.00
C VAL B 279 15.79 21.47 28.17
N ALA B 280 16.26 21.78 29.39
CA ALA B 280 17.69 21.72 29.67
C ALA B 280 18.26 20.30 29.53
N SER B 281 17.40 19.30 29.64
CA SER B 281 17.86 17.91 29.48
C SER B 281 17.85 17.43 28.03
N ILE B 282 17.29 18.20 27.08
CA ILE B 282 17.42 17.87 25.66
C ILE B 282 18.89 17.97 25.27
N GLN B 283 19.44 16.88 24.69
CA GLN B 283 20.88 16.83 24.45
C GLN B 283 21.18 17.35 23.04
N TYR B 284 21.77 18.54 22.96
CA TYR B 284 22.12 19.10 21.64
C TYR B 284 23.16 20.19 21.89
N GLY B 285 24.31 20.04 21.22
CA GLY B 285 25.46 20.91 21.49
C GLY B 285 25.35 22.29 20.84
N ASN B 286 24.94 22.33 19.58
CA ASN B 286 25.05 23.54 18.78
C ASN B 286 23.76 24.36 18.80
N LYS B 287 23.54 25.09 19.89
CA LYS B 287 22.26 25.73 20.15
C LYS B 287 22.46 27.11 20.78
N VAL B 288 21.42 27.92 20.64
CA VAL B 288 21.24 29.16 21.35
C VAL B 288 19.81 29.16 21.85
N ILE B 289 19.59 29.66 23.06
CA ILE B 289 18.29 29.60 23.73
C ILE B 289 17.79 30.99 24.07
N TYR B 290 16.57 31.30 23.61
CA TYR B 290 15.85 32.52 23.90
C TYR B 290 14.56 32.20 24.64
N LEU B 291 14.24 33.01 25.67
CA LEU B 291 13.01 32.87 26.45
C LEU B 291 12.14 34.08 26.19
N TYR B 292 10.88 33.85 25.85
CA TYR B 292 9.86 34.87 25.55
C TYR B 292 8.75 34.69 26.57
N ASP B 293 8.74 35.52 27.62
CA ASP B 293 7.78 35.37 28.73
C ASP B 293 6.56 36.26 28.51
N ARG B 294 5.36 35.71 28.64
CA ARG B 294 4.16 36.53 28.46
C ARG B 294 3.92 37.42 29.69
N SER B 295 4.50 37.08 30.83
CA SER B 295 4.36 37.92 32.03
C SER B 295 5.08 39.24 31.79
N ASP B 296 4.57 40.32 32.39
CA ASP B 296 5.34 41.56 32.46
C ASP B 296 5.82 41.87 33.88
N ASN B 297 5.71 40.90 34.80
CA ASN B 297 6.20 41.08 36.16
C ASN B 297 7.68 40.74 36.19
N GLU B 298 8.49 41.73 36.62
CA GLU B 298 9.94 41.63 36.61
C GLU B 298 10.53 40.87 37.80
N GLN B 299 9.70 40.34 38.72
CA GLN B 299 10.23 39.81 39.96
C GLN B 299 11.03 38.53 39.75
N ASN B 300 10.85 37.82 38.61
CA ASN B 300 11.52 36.55 38.36
C ASN B 300 12.76 36.72 37.49
N ARG B 301 13.03 37.96 37.04
CA ARG B 301 14.11 38.18 36.07
C ARG B 301 15.47 37.80 36.63
N LYS B 302 15.77 38.23 37.86
CA LYS B 302 17.06 37.97 38.47
C LYS B 302 17.39 36.48 38.44
N LEU B 303 16.46 35.66 38.94
CA LEU B 303 16.66 34.23 39.06
C LEU B 303 16.75 33.57 37.69
N ILE B 304 15.82 33.89 36.80
CA ILE B 304 15.77 33.23 35.49
C ILE B 304 17.04 33.58 34.71
N GLN B 305 17.45 34.87 34.73
CA GLN B 305 18.56 35.33 33.89
C GLN B 305 19.92 34.75 34.30
N ILE B 306 20.06 34.33 35.56
CA ILE B 306 21.26 33.63 35.95
C ILE B 306 21.51 32.44 35.01
N SER B 307 20.44 31.72 34.64
CA SER B 307 20.55 30.51 33.86
C SER B 307 20.30 30.74 32.37
N TYR B 308 19.49 31.75 32.04
CA TYR B 308 19.00 32.04 30.70
C TYR B 308 19.10 33.55 30.44
N PRO B 309 20.27 34.07 30.04
CA PRO B 309 20.44 35.52 29.83
C PRO B 309 19.55 36.21 28.78
N ASN B 310 19.14 35.35 27.77
CA ASN B 310 18.38 35.88 26.65
C ASN B 310 16.90 35.82 26.98
N TYR B 311 16.47 36.66 27.92
CA TYR B 311 15.17 36.62 28.55
C TYR B 311 14.43 37.92 28.27
N HIS B 312 13.18 37.77 27.80
CA HIS B 312 12.34 38.86 27.36
C HIS B 312 10.98 38.75 28.05
N THR B 313 10.38 39.90 28.38
CA THR B 313 9.11 39.93 29.07
C THR B 313 8.07 40.66 28.23
N GLY B 314 6.80 40.42 28.57
CA GLY B 314 5.66 41.05 27.95
C GLY B 314 5.45 40.63 26.50
N VAL B 315 5.82 39.38 26.18
CA VAL B 315 5.71 38.92 24.80
C VAL B 315 4.46 38.09 24.62
N THR B 316 3.61 38.50 23.67
CA THR B 316 2.34 37.79 23.51
C THR B 316 2.16 37.29 22.07
N LYS B 317 3.21 37.33 21.25
CA LYS B 317 3.18 36.82 19.90
C LYS B 317 4.44 35.98 19.66
N TYR B 318 4.45 35.08 18.67
CA TYR B 318 5.68 34.41 18.28
C TYR B 318 6.64 35.42 17.63
N VAL B 319 7.92 35.31 17.95
CA VAL B 319 8.96 36.25 17.57
C VAL B 319 9.96 35.55 16.67
N PHE B 320 10.23 36.16 15.50
CA PHE B 320 11.18 35.64 14.54
C PHE B 320 12.38 36.58 14.31
N ASP B 321 12.35 37.82 14.83
CA ASP B 321 13.41 38.79 14.51
C ASP B 321 14.76 38.39 15.07
N ASP B 322 14.86 37.87 16.31
CA ASP B 322 16.12 37.43 16.84
C ASP B 322 16.68 36.30 15.98
N PHE B 323 15.84 35.32 15.61
CA PHE B 323 16.29 34.23 14.74
C PHE B 323 16.85 34.80 13.42
N LYS B 324 16.09 35.69 12.78
CA LYS B 324 16.50 36.17 11.46
C LYS B 324 17.85 36.90 11.55
N LYS B 325 18.14 37.56 12.67
CA LYS B 325 19.40 38.26 12.82
C LYS B 325 20.55 37.29 13.14
N SER B 326 20.25 36.09 13.68
CA SER B 326 21.22 35.06 13.96
C SER B 326 21.67 34.32 12.69
N ASP B 327 22.66 33.43 12.86
CA ASP B 327 23.13 32.52 11.83
C ASP B 327 22.59 31.09 12.02
N ALA B 328 21.53 30.93 12.86
CA ALA B 328 20.97 29.58 13.05
C ALA B 328 20.31 29.02 11.78
N GLN B 329 20.33 27.71 11.61
CA GLN B 329 19.76 27.03 10.46
C GLN B 329 18.35 26.48 10.75
N PHE B 330 17.97 26.34 12.04
CA PHE B 330 16.67 25.80 12.43
C PHE B 330 16.05 26.64 13.55
N TYR B 331 14.71 26.77 13.53
CA TYR B 331 13.97 27.41 14.59
C TYR B 331 13.16 26.33 15.31
N PHE B 332 13.40 26.18 16.61
CA PHE B 332 12.73 25.15 17.41
C PHE B 332 11.82 25.83 18.42
N LEU B 333 10.53 25.80 18.14
CA LEU B 333 9.51 26.47 18.95
C LEU B 333 9.04 25.48 20.02
N LEU B 334 9.09 25.93 21.27
CA LEU B 334 8.61 25.14 22.41
C LEU B 334 7.71 25.99 23.32
N GLU B 335 6.49 25.51 23.57
CA GLU B 335 5.53 26.07 24.52
C GLU B 335 5.62 25.40 25.89
N GLN B 336 5.51 26.22 26.94
CA GLN B 336 5.64 25.80 28.35
C GLN B 336 4.81 24.58 28.78
N ASN B 337 3.64 24.36 28.19
CA ASN B 337 2.82 23.20 28.56
C ASN B 337 3.20 21.89 27.82
N CYS B 338 4.27 21.91 27.02
CA CYS B 338 4.75 20.75 26.29
C CYS B 338 6.03 20.22 26.93
N ILE B 339 5.94 19.00 27.45
CA ILE B 339 7.02 18.37 28.19
C ILE B 339 7.73 17.31 27.37
N ILE B 340 8.98 17.59 26.99
CA ILE B 340 9.75 16.69 26.16
C ILE B 340 10.56 15.76 27.05
N THR B 341 10.42 14.44 26.82
CA THR B 341 11.17 13.45 27.59
C THR B 341 12.22 12.72 26.77
N LYS B 342 12.14 12.75 25.44
CA LYS B 342 13.08 12.03 24.60
C LYS B 342 14.31 12.93 24.34
N LYS B 343 15.45 12.58 24.98
CA LYS B 343 16.57 13.51 25.05
C LYS B 343 17.24 13.78 23.70
N ASP B 344 17.21 12.79 22.80
CA ASP B 344 17.82 12.90 21.49
C ASP B 344 16.86 13.40 20.40
N ILE B 345 15.75 14.02 20.80
CA ILE B 345 14.68 14.34 19.85
C ILE B 345 15.16 15.24 18.70
N LEU B 346 16.04 16.22 18.97
CA LEU B 346 16.44 17.11 17.86
C LEU B 346 17.22 16.39 16.78
N HIS B 347 18.07 15.45 17.20
CA HIS B 347 18.79 14.60 16.25
C HIS B 347 17.78 13.83 15.40
N GLU B 348 16.80 13.23 16.04
CA GLU B 348 15.79 12.44 15.34
C GLU B 348 15.05 13.33 14.32
N LEU B 349 14.64 14.53 14.74
CA LEU B 349 13.82 15.40 13.90
C LEU B 349 14.63 15.92 12.72
N ILE B 350 15.87 16.37 12.94
CA ILE B 350 16.66 16.94 11.87
C ILE B 350 16.92 15.89 10.78
N MET B 351 17.03 14.62 11.16
CA MET B 351 17.22 13.56 10.16
C MET B 351 16.04 13.43 9.18
N GLN B 352 14.86 13.97 9.54
CA GLN B 352 13.69 13.89 8.66
C GLN B 352 13.55 15.13 7.78
N VAL B 353 14.38 16.16 8.01
CA VAL B 353 14.26 17.40 7.24
C VAL B 353 15.02 17.26 5.93
N LYS B 354 14.27 16.98 4.88
CA LYS B 354 14.79 16.87 3.51
C LYS B 354 13.62 17.06 2.54
N ASP B 355 13.91 17.50 1.31
CA ASP B 355 12.88 17.67 0.29
C ASP B 355 11.79 18.64 0.75
N ASN B 356 10.53 18.20 0.68
CA ASN B 356 9.38 19.00 1.05
C ASN B 356 9.06 18.93 2.54
N HIS B 357 9.87 18.20 3.31
CA HIS B 357 9.66 18.12 4.77
C HIS B 357 10.52 19.16 5.48
N ARG B 358 9.94 20.28 5.83
CA ARG B 358 10.66 21.43 6.39
C ARG B 358 10.09 21.93 7.72
N VAL B 359 8.86 21.54 8.08
CA VAL B 359 8.20 21.93 9.32
C VAL B 359 7.71 20.62 9.94
N ILE B 360 8.25 20.24 11.09
CA ILE B 360 8.03 18.93 11.68
C ILE B 360 7.69 19.09 13.14
N SER B 361 6.61 18.43 13.56
CA SER B 361 6.09 18.55 14.91
C SER B 361 5.91 17.16 15.56
N PRO B 362 6.66 16.80 16.62
CA PRO B 362 6.44 15.54 17.32
C PRO B 362 5.09 15.46 18.03
N MET B 363 4.35 14.34 17.83
CA MET B 363 3.04 14.14 18.44
C MET B 363 3.13 13.77 19.90
N ILE B 364 2.54 14.60 20.73
CA ILE B 364 2.41 14.38 22.17
C ILE B 364 0.96 14.56 22.58
N GLY B 365 0.54 13.82 23.64
CA GLY B 365 -0.82 13.85 24.16
C GLY B 365 -0.83 14.22 25.66
N TYR B 366 -2.00 14.61 26.12
CA TYR B 366 -2.17 14.80 27.57
C TYR B 366 -1.97 13.50 28.31
N GLU B 367 -1.36 13.57 29.51
CA GLU B 367 -1.05 12.35 30.26
C GLU B 367 -2.33 11.58 30.62
N GLN B 368 -3.34 12.30 31.11
CA GLN B 368 -4.57 11.66 31.55
C GLN B 368 -5.55 11.44 30.40
N ASN B 369 -5.18 11.87 29.17
CA ASN B 369 -6.14 11.91 28.09
C ASN B 369 -5.39 11.91 26.76
N SER B 370 -4.80 10.75 26.41
CA SER B 370 -3.82 10.65 25.34
C SER B 370 -4.46 10.83 23.97
N THR B 371 -5.81 10.82 23.84
CA THR B 371 -6.40 11.13 22.54
C THR B 371 -6.45 12.62 22.26
N ARG B 372 -6.15 13.46 23.26
CA ARG B 372 -6.07 14.89 23.04
CA ARG B 372 -6.06 14.90 23.10
C ARG B 372 -4.59 15.22 22.84
N THR B 373 -4.23 15.61 21.60
CA THR B 373 -2.85 15.78 21.18
C THR B 373 -2.59 17.21 20.71
N ASN B 374 -1.34 17.42 20.26
CA ASN B 374 -0.89 18.72 19.75
C ASN B 374 -0.99 18.82 18.23
N PHE B 375 -1.88 18.10 17.57
CA PHE B 375 -2.15 18.33 16.14
C PHE B 375 -3.64 18.20 15.85
N TRP B 376 -4.10 18.79 14.74
CA TRP B 376 -5.44 18.59 14.21
C TRP B 376 -5.33 17.85 12.89
N GLY B 377 -6.08 16.76 12.73
CA GLY B 377 -6.06 16.03 11.46
C GLY B 377 -6.85 16.70 10.32
N ASP B 378 -7.82 17.51 10.67
CA ASP B 378 -8.70 18.20 9.74
C ASP B 378 -9.13 19.49 10.40
N ILE B 379 -9.75 20.33 9.55
CA ILE B 379 -10.17 21.66 9.94
C ILE B 379 -11.49 21.97 9.21
N GLU B 380 -12.37 22.71 9.88
CA GLU B 380 -13.64 23.12 9.27
C GLU B 380 -13.88 24.56 9.66
N ASP B 381 -13.95 25.47 8.67
CA ASP B 381 -14.20 26.88 8.95
C ASP B 381 -13.14 27.37 9.97
N GLY B 382 -11.92 26.82 9.85
CA GLY B 382 -10.78 27.28 10.65
C GLY B 382 -10.58 26.60 12.03
N TYR B 383 -11.53 25.74 12.44
N TYR B 383 -11.57 25.78 12.46
CA TYR B 383 -11.52 25.13 13.77
CA TYR B 383 -11.58 25.15 13.79
C TYR B 383 -11.39 23.60 13.67
C TYR B 383 -11.41 23.63 13.69
N TYR B 384 -11.20 22.96 14.84
CA TYR B 384 -10.83 21.54 14.91
C TYR B 384 -11.93 20.66 14.28
N LYS B 385 -11.52 19.71 13.44
CA LYS B 385 -12.42 18.66 12.98
C LYS B 385 -11.72 17.31 13.12
N ARG B 386 -12.44 16.27 13.58
CA ARG B 386 -11.83 14.94 13.70
C ARG B 386 -11.69 14.30 12.32
N SER B 387 -10.46 13.98 11.93
CA SER B 387 -10.20 13.32 10.66
C SER B 387 -10.46 11.81 10.71
N GLU B 388 -10.54 11.20 9.53
CA GLU B 388 -10.88 9.78 9.43
C GLU B 388 -9.80 8.89 10.06
N ASN B 389 -8.55 9.37 10.14
CA ASN B 389 -7.44 8.60 10.71
C ASN B 389 -6.88 9.21 12.00
N TYR B 390 -7.55 10.21 12.59
CA TYR B 390 -7.03 10.88 13.79
C TYR B 390 -6.74 9.88 14.91
N LEU B 391 -7.73 9.06 15.29
CA LEU B 391 -7.54 8.16 16.41
C LEU B 391 -6.46 7.12 16.12
N ASP B 392 -6.37 6.65 14.84
CA ASP B 392 -5.30 5.73 14.46
C ASP B 392 -3.93 6.37 14.72
N LEU B 393 -3.80 7.64 14.36
CA LEU B 393 -2.52 8.33 14.56
C LEU B 393 -2.20 8.53 16.06
N ALA B 394 -3.17 9.02 16.82
CA ALA B 394 -3.06 9.33 18.24
C ALA B 394 -2.74 8.07 19.07
N LYS B 395 -3.22 6.88 18.61
CA LYS B 395 -2.91 5.62 19.26
C LYS B 395 -1.78 4.84 18.59
N HIS B 396 -1.07 5.46 17.64
CA HIS B 396 0.09 4.84 17.02
C HIS B 396 -0.25 3.52 16.27
N LYS B 397 -1.43 3.41 15.70
N LYS B 397 -1.43 3.43 15.70
CA LYS B 397 -1.78 2.25 14.88
CA LYS B 397 -1.76 2.24 14.92
C LYS B 397 -0.95 2.20 13.61
C LYS B 397 -1.00 2.20 13.59
N VAL B 398 -0.60 3.38 13.08
CA VAL B 398 0.36 3.57 12.03
C VAL B 398 1.29 4.73 12.44
N ARG B 399 2.50 4.75 11.91
CA ARG B 399 3.53 5.73 12.32
C ARG B 399 4.22 6.27 11.05
N GLY B 400 4.72 7.50 11.17
CA GLY B 400 5.49 8.17 10.14
C GLY B 400 5.25 9.68 10.18
N LEU B 401 5.35 10.29 8.98
CA LEU B 401 5.10 11.70 8.78
C LEU B 401 3.73 11.92 8.14
N TRP B 402 3.01 12.95 8.62
CA TRP B 402 1.60 13.15 8.24
C TRP B 402 1.35 14.64 7.97
N ASN B 403 0.88 14.99 6.75
CA ASN B 403 0.59 16.34 6.31
C ASN B 403 -0.75 16.78 6.90
N VAL B 404 -0.71 17.67 7.88
CA VAL B 404 -1.88 18.04 8.66
C VAL B 404 -2.09 19.56 8.68
N PRO B 405 -3.31 20.06 8.91
CA PRO B 405 -3.54 21.50 8.86
C PRO B 405 -3.11 22.34 10.06
N TYR B 406 -2.80 21.71 11.18
CA TYR B 406 -2.43 22.44 12.40
C TYR B 406 -1.56 21.55 13.29
N VAL B 407 -0.47 22.16 13.79
CA VAL B 407 0.43 21.57 14.78
C VAL B 407 0.70 22.63 15.86
N TYR B 408 0.99 22.19 17.10
CA TYR B 408 1.13 23.09 18.24
C TYR B 408 2.34 22.72 19.10
N GLY B 409 3.03 23.74 19.62
CA GLY B 409 3.75 23.60 20.89
C GLY B 409 5.16 22.99 20.86
N VAL B 410 5.45 22.12 19.89
CA VAL B 410 6.78 21.60 19.64
C VAL B 410 6.95 21.54 18.12
N ILE B 411 7.65 22.51 17.55
CA ILE B 411 7.70 22.66 16.09
C ILE B 411 9.12 22.98 15.65
N LEU B 412 9.70 22.13 14.79
CA LEU B 412 10.99 22.39 14.17
C LEU B 412 10.79 22.96 12.78
N MET B 413 11.37 24.14 12.49
CA MET B 413 11.27 24.77 11.17
C MET B 413 12.64 25.07 10.56
N HIS B 414 12.84 24.61 9.32
CA HIS B 414 14.05 24.97 8.60
C HIS B 414 14.11 26.47 8.34
N GLU B 415 15.36 27.00 8.29
CA GLU B 415 15.50 28.43 8.02
C GLU B 415 14.91 28.90 6.69
N SER B 416 14.84 28.04 5.68
CA SER B 416 14.31 28.45 4.38
C SER B 416 12.83 28.80 4.46
N VAL B 417 12.11 28.28 5.49
CA VAL B 417 10.75 28.71 5.76
C VAL B 417 10.76 30.04 6.50
N VAL B 418 11.44 30.11 7.66
CA VAL B 418 11.33 31.28 8.51
C VAL B 418 11.92 32.54 7.87
N ARG B 419 13.02 32.41 7.16
CA ARG B 419 13.71 33.56 6.59
C ARG B 419 13.01 34.14 5.36
N ASN B 420 12.18 33.37 4.66
CA ASN B 420 11.69 33.76 3.35
C ASN B 420 10.20 34.00 3.22
N TRP B 421 9.40 33.77 4.30
CA TRP B 421 7.95 33.84 4.25
C TRP B 421 7.40 34.61 5.45
N ASP B 422 6.29 35.34 5.25
CA ASP B 422 5.62 36.05 6.33
C ASP B 422 4.82 35.07 7.19
N LEU B 423 5.28 34.83 8.43
CA LEU B 423 4.58 33.92 9.35
C LEU B 423 3.75 34.64 10.39
N SER B 424 3.60 35.95 10.19
CA SER B 424 3.00 36.85 11.15
C SER B 424 1.64 37.36 10.64
N MET B 425 0.96 36.59 9.76
CA MET B 425 -0.36 36.99 9.26
C MET B 425 -1.37 36.82 10.40
N VAL B 426 -2.45 37.63 10.37
CA VAL B 426 -3.44 37.63 11.45
C VAL B 426 -4.82 37.25 10.89
N LYS B 427 -5.47 36.28 11.56
CA LYS B 427 -6.83 35.91 11.24
C LYS B 427 -7.58 35.54 12.53
N TYR B 428 -7.02 34.59 13.30
CA TYR B 428 -7.71 33.99 14.43
C TYR B 428 -7.25 34.54 15.78
N ASN B 429 -6.30 35.48 15.80
CA ASN B 429 -5.78 36.08 17.04
C ASN B 429 -4.88 35.19 17.92
N ASP B 430 -5.18 33.89 18.15
CA ASP B 430 -4.31 33.03 18.96
C ASP B 430 -3.01 32.82 18.18
N LYS B 431 -1.86 33.01 18.84
CA LYS B 431 -0.56 32.92 18.14
C LYS B 431 -0.39 31.54 17.44
N ASP B 432 -0.79 30.43 18.07
CA ASP B 432 -0.58 29.11 17.46
C ASP B 432 -1.48 28.89 16.25
N MET B 433 -2.72 29.41 16.28
CA MET B 433 -3.64 29.25 15.16
C MET B 433 -3.21 30.14 13.97
N ASP B 434 -2.61 31.30 14.29
CA ASP B 434 -2.19 32.18 13.19
C ASP B 434 -0.88 31.76 12.53
N LEU B 435 0.00 31.07 13.27
CA LEU B 435 1.18 30.51 12.64
C LEU B 435 0.74 29.46 11.60
N CYS B 436 -0.18 28.56 11.98
CA CYS B 436 -0.61 27.48 11.09
C CYS B 436 -1.40 28.04 9.91
N PHE B 437 -2.25 29.05 10.16
CA PHE B 437 -2.95 29.73 9.09
C PHE B 437 -1.99 30.31 8.04
N SER B 438 -0.90 30.93 8.52
CA SER B 438 0.09 31.51 7.63
C SER B 438 0.77 30.44 6.77
N LEU B 439 1.17 29.33 7.41
CA LEU B 439 1.78 28.23 6.67
C LEU B 439 0.82 27.67 5.61
N ARG B 440 -0.45 27.43 5.96
CA ARG B 440 -1.43 26.94 5.01
C ARG B 440 -1.54 27.89 3.80
N LYS B 441 -1.56 29.20 4.09
CA LYS B 441 -1.74 30.21 3.05
C LYS B 441 -0.59 30.16 2.05
N HIS B 442 0.64 29.89 2.51
CA HIS B 442 1.82 29.88 1.67
C HIS B 442 2.10 28.53 0.99
N THR B 443 1.28 27.49 1.25
CA THR B 443 1.54 26.14 0.76
C THR B 443 2.88 25.64 1.29
N ILE B 444 3.08 25.88 2.61
CA ILE B 444 4.12 25.27 3.42
CA ILE B 444 4.13 25.25 3.40
C ILE B 444 3.43 24.24 4.32
N PHE B 445 3.88 22.97 4.22
CA PHE B 445 3.15 21.89 4.87
C PHE B 445 3.66 21.68 6.29
N MET B 446 2.75 21.35 7.19
CA MET B 446 3.06 20.93 8.56
C MET B 446 3.04 19.41 8.64
N TYR B 447 4.14 18.77 9.02
CA TYR B 447 4.20 17.34 9.17
C TYR B 447 4.26 16.98 10.65
N MET B 448 3.21 16.31 11.14
CA MET B 448 3.27 15.65 12.42
C MET B 448 4.10 14.39 12.27
N ILE B 449 4.88 14.05 13.31
CA ILE B 449 5.64 12.80 13.34
C ILE B 449 5.31 12.03 14.61
N ASN B 450 5.05 10.73 14.48
CA ASN B 450 4.63 9.90 15.66
C ASN B 450 5.48 8.61 15.72
N ASN B 451 6.77 8.68 15.37
CA ASN B 451 7.65 7.51 15.27
C ASN B 451 8.05 6.94 16.63
N ASN B 452 8.04 7.75 17.69
CA ASN B 452 8.48 7.38 19.02
C ASN B 452 7.65 8.09 20.10
N ASN B 453 7.88 7.72 21.36
CA ASN B 453 7.33 8.38 22.55
C ASN B 453 8.20 9.59 22.85
N TYR B 454 7.65 10.80 22.61
CA TYR B 454 8.43 12.03 22.69
C TYR B 454 8.21 12.85 23.97
N GLY B 455 7.10 12.66 24.63
CA GLY B 455 6.70 13.51 25.77
C GLY B 455 5.21 13.53 25.94
N TYR B 456 4.72 14.60 26.59
CA TYR B 456 3.32 14.75 26.94
C TYR B 456 3.00 16.22 27.18
N MET B 457 1.73 16.57 27.12
CA MET B 457 1.23 17.91 27.43
C MET B 457 0.66 17.91 28.86
N VAL B 458 0.75 19.08 29.51
CA VAL B 458 0.18 19.26 30.85
C VAL B 458 -0.86 20.39 30.79
C2 BGC C . 1.53 -24.06 14.63
C3 BGC C . 1.65 -23.21 15.93
C4 BGC C . 0.31 -23.06 16.64
C5 BGC C . -0.29 -24.46 16.80
C6 BGC C . -1.67 -24.46 17.39
C1 BGC C . 0.90 -25.43 14.91
O1 BGC C . 0.81 -26.26 13.76
O2 BGC C . 2.78 -24.25 13.96
O3 BGC C . 2.19 -21.92 15.65
O4 BGC C . 0.48 -22.41 17.93
O5 BGC C . -0.36 -25.12 15.51
O6 BGC C . -2.52 -23.64 16.60
H2 BGC C . 0.92 -23.59 14.01
H3 BGC C . 2.27 -23.67 16.56
H4 BGC C . -0.29 -22.50 16.08
H5 BGC C . 0.30 -24.98 17.39
H61 BGC C . -1.64 -24.11 18.31
H62 BGC C . -2.02 -25.37 17.41
H1 BGC C . 1.46 -25.89 15.59
HO1 BGC C . 0.21 -25.95 13.25
HO2 BGC C . 2.59 -24.52 13.18
HO3 BGC C . 2.42 -21.56 16.38
HO4 BGC C . 0.96 -22.91 18.37
HO6 BGC C . -2.49 -24.07 15.74
C1 GLC C . 4.13 -24.31 14.64
C2 GLC C . 5.10 -23.87 13.59
C3 GLC C . 5.41 -24.92 12.52
C4 GLC C . 5.84 -26.20 13.22
C5 GLC C . 4.72 -26.62 14.17
C6 GLC C . 5.06 -27.91 14.93
O2 GLC C . 4.59 -22.63 13.02
O3 GLC C . 6.48 -24.53 11.67
O4 GLC C . 6.16 -27.20 12.28
O5 GLC C . 4.44 -25.62 15.15
O6 GLC C . 3.98 -28.37 15.72
H1 GLC C . 4.18 -23.67 15.39
H2 GLC C . 5.95 -23.66 14.06
H3 GLC C . 4.60 -25.09 11.98
H4 GLC C . 6.64 -26.00 13.76
H5 GLC C . 3.90 -26.77 13.64
H61 GLC C . 5.83 -27.73 15.52
H62 GLC C . 5.31 -28.59 14.29
HO2 GLC C . 3.92 -22.81 12.54
HO3 GLC C . 6.38 -23.72 11.46
HO4 GLC C . 5.49 -27.39 11.83
HO6 GLC C . 3.38 -28.69 15.21
N1 UDP D . 5.57 -28.70 5.00
C2 UDP D . 6.16 -29.25 3.88
N3 UDP D . 5.37 -30.17 3.21
C4 UDP D . 4.11 -30.58 3.59
C5 UDP D . 3.58 -29.99 4.78
C6 UDP D . 4.34 -29.10 5.47
O2 UDP D . 7.25 -28.88 3.48
O4 UDP D . 3.49 -31.38 2.86
C1' UDP D . 6.42 -27.64 5.68
C2' UDP D . 6.17 -26.24 5.07
O2' UDP D . 7.34 -25.41 5.08
C3' UDP D . 5.10 -25.69 5.99
C4' UDP D . 5.63 -26.19 7.34
O4' UDP D . 6.01 -27.56 7.01
O3' UDP D . 4.98 -24.28 5.84
C5' UDP D . 4.73 -26.16 8.53
O5' UDP D . 3.40 -26.52 8.20
PA UDP D . 2.35 -25.30 8.06
O1A UDP D . 1.28 -25.72 7.09
O2A UDP D . 3.16 -24.08 7.81
O3A UDP D . 1.72 -25.15 9.48
PB UDP D . 1.79 -24.33 10.81
O1B UDP D . 0.43 -23.91 10.96
O2B UDP D . 2.94 -23.28 10.75
O3B UDP D . 2.14 -25.59 11.63
HN3 UDP D . 5.71 -30.51 2.46
H5 UDP D . 2.73 -30.21 5.09
H6 UDP D . 3.98 -28.67 6.23
H1' UDP D . 7.37 -27.87 5.64
H2' UDP D . 5.83 -26.32 4.16
HO2' UDP D . 7.24 -24.94 5.77
H3' UDP D . 4.23 -26.13 5.79
H4' UDP D . 6.44 -25.69 7.56
HO3' UDP D . 4.27 -24.06 5.87
H5'1 UDP D . 4.75 -25.26 8.93
H5'2 UDP D . 5.08 -26.79 9.21
MN MN E . 3.74 -22.32 9.02
C2 BGC F . -29.17 -26.41 -11.15
C3 BGC F . -28.07 -25.47 -11.70
C4 BGC F . -26.77 -26.23 -11.95
C5 BGC F . -27.06 -27.47 -12.78
C6 BGC F . -25.86 -28.35 -13.06
C1 BGC F . -29.30 -27.63 -12.02
O1 BGC F . -30.23 -28.51 -11.51
O2 BGC F . -30.41 -25.72 -11.10
O3 BGC F . -27.81 -24.40 -10.77
O4 BGC F . -25.86 -25.40 -12.70
O5 BGC F . -28.03 -28.31 -12.08
O6 BGC F . -25.05 -28.76 -11.88
H2 BGC F . -28.91 -26.70 -10.24
H3 BGC F . -28.37 -25.09 -12.55
H4 BGC F . -26.36 -26.50 -11.10
H5 BGC F . -27.45 -27.19 -13.65
H61 BGC F . -25.27 -27.88 -13.69
H62 BGC F . -26.17 -29.17 -13.51
H1 BGC F . -29.58 -27.38 -12.94
HO1 BGC F . -31.00 -28.18 -11.63
HO2 BGC F . -31.04 -25.99 -11.44
HO3 BGC F . -27.07 -24.25 -10.50
HO4 BGC F . -25.76 -25.62 -13.37
HO6 BGC F . -25.46 -28.28 -11.10
C2 BGC G . -9.27 -3.28 4.20
C3 BGC G . -8.01 -2.54 3.76
C4 BGC G . -6.74 -3.23 4.28
C5 BGC G . -6.78 -4.69 3.82
C6 BGC G . -5.60 -5.55 4.28
C1 BGC G . -9.19 -4.72 3.81
O1 BGC G . -10.22 -5.55 4.31
O2 BGC G . -10.44 -2.66 3.65
O3 BGC G . -8.05 -1.21 4.21
O4 BGC G . -5.55 -2.56 3.76
O5 BGC G . -8.00 -5.31 4.34
O6 BGC G . -5.56 -5.61 5.69
H2 BGC G . -9.34 -3.24 5.19
H3 BGC G . -7.98 -2.53 2.77
H4 BGC G . -6.74 -3.20 5.26
H5 BGC G . -6.82 -4.70 2.84
H61 BGC G . -4.77 -5.16 3.94
H62 BGC G . -5.69 -6.45 3.92
H1 BGC G . -9.17 -4.80 2.82
HO1 BGC G . -10.68 -5.12 4.86
HO2 BGC G . -10.94 -3.09 3.23
HO3 BGC G . -7.40 -0.96 4.76
HO4 BGC G . -5.15 -3.01 3.37
HO6 BGC G . -6.21 -5.05 6.09
C1 GAL H . -25.16 -19.13 -5.09
C2 GAL H . -24.02 -18.51 -4.30
C3 GAL H . -22.69 -18.90 -4.93
C4 GAL H . -22.57 -20.41 -5.14
C5 GAL H . -23.82 -20.90 -5.91
C6 GAL H . -23.96 -22.39 -6.10
O1 GAL H . -26.40 -18.98 -4.43
O2 GAL H . -24.15 -17.09 -4.21
O3 GAL H . -21.62 -18.45 -4.09
O4 GAL H . -22.47 -21.07 -3.87
O5 GAL H . -24.94 -20.53 -5.15
O6 GAL H . -25.08 -22.63 -6.98
H1 GAL H . -25.20 -18.75 -6.00
H2 GAL H . -24.06 -18.89 -3.40
H3 GAL H . -22.61 -18.46 -5.82
H4 GAL H . -21.77 -20.61 -5.67
H5 GAL H . -23.85 -20.45 -6.78
H61 GAL H . -24.11 -22.82 -5.24
H62 GAL H . -23.14 -22.75 -6.50
HO1 GAL H . -26.49 -18.18 -4.22
HO2 GAL H . -23.53 -16.58 -4.44
HO3 GAL H . -21.20 -18.96 -3.81
HO4 GAL H . -23.18 -21.47 -3.71
HO6 GAL H . -25.47 -21.74 -7.15
N1 UDP I . 0.58 28.83 -9.09
C2 UDP I . 1.89 29.23 -9.12
N3 UDP I . 2.24 30.20 -8.20
C4 UDP I . 1.41 30.79 -7.28
C5 UDP I . 0.05 30.32 -7.31
C6 UDP I . -0.30 29.34 -8.17
O2 UDP I . 2.66 28.75 -9.92
O4 UDP I . 1.87 31.62 -6.49
C1' UDP I . 0.28 27.74 -10.02
C2' UDP I . 0.59 26.39 -9.38
O2' UDP I . 1.03 25.37 -10.26
C3' UDP I . -0.78 26.02 -8.86
C4' UDP I . -1.64 26.47 -10.05
O4' UDP I . -1.08 27.77 -10.33
O3' UDP I . -0.57 24.63 -8.64
C5' UDP I . -3.14 26.66 -9.94
O5' UDP I . -3.52 27.26 -8.71
PA UDP I . -4.17 26.17 -7.72
O1A UDP I . -4.20 26.76 -6.33
O2A UDP I . -3.54 24.86 -8.06
O3A UDP I . -5.68 26.28 -8.23
PB UDP I . -6.85 25.20 -8.24
O1B UDP I . -7.17 25.02 -6.74
O2B UDP I . -6.36 23.96 -9.03
O3B UDP I . -7.98 25.94 -8.91
HN3 UDP I . 3.09 30.47 -8.23
H5 UDP I . -0.57 30.64 -6.69
H6 UDP I . -1.19 29.03 -8.18
H1' UDP I . 0.81 27.86 -10.84
H2' UDP I . 1.22 26.50 -8.64
HO2' UDP I . 1.36 25.24 -10.46
H3' UDP I . -0.99 26.50 -8.01
H4' UDP I . -1.45 25.89 -10.81
HO3' UDP I . -1.94 24.53 -8.68
H5'1 UDP I . -3.58 25.78 -10.02
H5'2 UDP I . -3.45 27.22 -10.70
MN MN J . -4.39 22.99 -8.89
C2 BGC K . -0.27 28.78 29.18
C3 BGC K . 0.69 27.72 28.56
C4 BGC K . 1.58 28.36 27.48
C5 BGC K . 2.28 29.58 28.05
C6 BGC K . 3.17 30.28 27.06
C1 BGC K . 0.54 29.99 29.64
O1 BGC K . -0.22 31.05 30.10
O2 BGC K . -0.95 28.20 30.30
O3 BGC K . -0.05 26.62 28.00
O4 BGC K . 2.58 27.39 27.11
O5 BGC K . 1.27 30.51 28.52
O6 BGC K . 2.52 30.70 25.82
H2 BGC K . -0.93 29.05 28.51
H3 BGC K . 1.27 27.37 29.28
H4 BGC K . 1.04 28.61 26.71
H5 BGC K . 2.83 29.30 28.82
H61 BGC K . 3.91 29.68 26.84
H62 BGC K . 3.55 31.07 27.49
H1 BGC K . 1.18 29.72 30.34
HO1 BGC K . 0.05 31.25 30.88
HO2 BGC K . -0.82 28.75 31.06
HO3 BGC K . 0.11 26.63 27.27
HO4 BGC K . 3.30 27.79 27.34
HO6 BGC K . 1.66 30.57 25.90
C2 BGC L . -7.65 5.10 6.08
C3 BGC L . -6.77 4.19 5.21
C4 BGC L . -6.56 4.77 3.82
C5 BGC L . -6.07 6.23 3.99
C6 BGC L . -5.86 6.97 2.68
C1 BGC L . -7.12 6.54 6.12
O1 BGC L . -8.01 7.44 6.74
O2 BGC L . -7.70 4.55 7.41
O3 BGC L . -7.31 2.88 5.06
O4 BGC L . -5.57 3.99 3.11
O5 BGC L . -7.01 7.00 4.75
O6 BGC L . -7.12 7.10 2.01
H2 BGC L . -8.57 5.11 5.71
H3 BGC L . -5.88 4.11 5.64
H4 BGC L . -7.41 4.76 3.33
H5 BGC L . -5.22 6.20 4.47
H61 BGC L . -5.23 6.49 2.12
H62 BGC L . -5.49 7.87 2.87
H1 BGC L . -6.24 6.58 6.55
HO1 BGC L . -7.60 8.16 6.90
HO2 BGC L . -7.46 5.22 8.02
HO3 BGC L . -7.48 2.84 4.28
HO4 BGC L . -4.99 4.59 2.96
HO6 BGC L . -7.80 6.87 2.53
C1 GAL M . 25.42 16.57 23.00
C2 GAL M . 25.19 15.90 21.65
C3 GAL M . 24.57 14.51 21.79
C4 GAL M . 25.33 13.68 22.81
C5 GAL M . 25.48 14.48 24.09
C6 GAL M . 26.25 13.73 25.16
O1 GAL M . 26.08 17.76 22.83
O2 GAL M . 24.38 16.78 20.86
O3 GAL M . 24.61 13.87 20.53
O4 GAL M . 26.62 13.33 22.31
O5 GAL M . 26.19 15.69 23.82
O6 GAL M . 26.34 14.55 26.33
H1 GAL M . 24.55 16.75 23.44
H2 GAL M . 26.07 15.82 21.21
H3 GAL M . 23.63 14.61 22.08
H4 GAL M . 24.82 12.86 23.00
H5 GAL M . 24.59 14.69 24.43
H61 GAL M . 27.15 13.52 24.83
H62 GAL M . 25.80 12.90 25.37
HO1 GAL M . 26.07 18.19 23.56
HO2 GAL M . 23.70 16.41 20.64
HO3 GAL M . 25.04 13.19 20.63
HO4 GAL M . 27.21 13.65 22.85
HO6 GAL M . 25.93 15.30 26.23
#